data_1TAQ
#
_entry.id   1TAQ
#
_cell.length_a   107.421
_cell.length_b   107.421
_cell.length_c   170.245
_cell.angle_alpha   90.00
_cell.angle_beta   90.00
_cell.angle_gamma   120.00
#
_symmetry.space_group_name_H-M   'P 31 2 1'
#
loop_
_entity.id
_entity.type
_entity.pdbx_description
1 polymer 'TAQ DNA POLYMERASE'
2 non-polymer 2-O-octyl-beta-D-glucopyranose
3 non-polymer 'ZINC ION'
4 water water
#
_entity_poly.entity_id   1
_entity_poly.type   'polypeptide(L)'
_entity_poly.pdbx_seq_one_letter_code
;MRGMLPLFEPKGRVLLVDGHHLAYRTFHALKGLTTSRGEPVQAVYGFAKSLLKALKEDGDAVIVVFDAKAPSFRHEAYGG
YKAGRAPTPEDFPRQLALIKELVDLLGLARLEVPGYEADDVLASLAKKAEKEGYEVRILTADKDLYQLLSDRIHVLHPEG
YLITPAWLWEKYGLRPDQWADYRALTGDESDNLPGVKGIGEKTARKLLEEWGSLEALLKNLDRLKPAIREKILAHMDDLK
LSWDLAKVRTDLPLEVDFAKRREPDRERLRAFLERLEFGSLLHEFGLLESPKALEEAPWPPPEGAFVGFVLSRKEPMWAD
LLALAAARGGRVHRAPEPYKALRDLKEARGLLAKDLSVLALREGLGLPPGDDPMLLAYLLDPSNTTPEGVARRYGGEWTE
EAGERAALSERLFANLWGRLEGEERLLWLYREVERPLSAVLAHMEATGVRLDVAYLRALSLEVAEEIARLEAEVFRLAGH
PFNLNSRDQLERVLFDELGLPAIGKTEKTGKRSTSAAVLEALREAHPIVEKILQYRELTKLKSTYIDPLPDLIHPRTGRL
HTRFNQTATATGRLCCCDPNLQNIPVRTPLGQRIRRGFIAEEGWLLVALDYSQIELRVLAHLSGDENLIRVFQEGRDIHT
ETASWMFGVPREAVDPLMRRAAKTINFGVLYGMSAHRLSQELAIPYEEAQAFIERYFQSFPKVRAWIEKTLEEGRRRGYV
ETLFGRRRYVPDLEARVKSVREAAERMAFNMPVQGTAADLMKLAMVKLFPRLEEMGARMLLQVHDELVLEAPKERAEAVA
RLAKEVMEGVYPLAVPLEVEVGIGEDWLSAKE
;
_entity_poly.pdbx_strand_id   A
#
# COMPACT_ATOMS: atom_id res chain seq x y z
N PRO A 10 21.99 13.00 33.68
CA PRO A 10 21.60 11.60 33.43
C PRO A 10 22.24 11.02 32.16
N LYS A 11 23.11 10.02 32.36
CA LYS A 11 23.82 9.35 31.27
C LYS A 11 22.84 8.69 30.30
N GLY A 12 21.59 8.53 30.75
CA GLY A 12 20.58 7.91 29.93
C GLY A 12 19.39 7.40 30.74
N ARG A 13 18.53 6.66 30.05
CA ARG A 13 17.32 6.09 30.64
C ARG A 13 17.41 4.60 30.34
N VAL A 14 17.08 3.77 31.32
CA VAL A 14 17.10 2.32 31.12
C VAL A 14 15.75 1.76 31.46
N LEU A 15 15.14 1.06 30.51
CA LEU A 15 13.85 0.45 30.72
C LEU A 15 14.06 -1.00 31.04
N LEU A 16 13.93 -1.35 32.31
CA LEU A 16 14.09 -2.72 32.75
C LEU A 16 12.71 -3.38 32.69
N VAL A 17 12.60 -4.45 31.91
CA VAL A 17 11.33 -5.12 31.78
C VAL A 17 11.33 -6.40 32.59
N ASP A 18 10.25 -6.65 33.30
CA ASP A 18 10.14 -7.87 34.09
C ASP A 18 9.52 -8.91 33.17
N GLY A 19 10.31 -9.38 32.21
CA GLY A 19 9.82 -10.37 31.27
C GLY A 19 9.13 -11.52 31.96
N HIS A 20 9.72 -11.96 33.05
CA HIS A 20 9.19 -13.08 33.81
C HIS A 20 7.78 -12.86 34.34
N HIS A 21 7.58 -11.80 35.11
CA HIS A 21 6.25 -11.61 35.65
C HIS A 21 5.28 -10.99 34.71
N LEU A 22 5.78 -10.40 33.63
CA LEU A 22 4.88 -9.83 32.64
C LEU A 22 4.33 -11.01 31.87
N ALA A 23 5.21 -11.95 31.53
CA ALA A 23 4.84 -13.14 30.77
C ALA A 23 3.85 -14.03 31.52
N TYR A 24 3.95 -14.00 32.84
CA TYR A 24 3.08 -14.80 33.67
C TYR A 24 1.72 -14.13 33.75
N ARG A 25 1.73 -12.82 34.01
CA ARG A 25 0.51 -12.03 34.09
C ARG A 25 -0.36 -12.16 32.85
N THR A 26 0.22 -11.89 31.68
CA THR A 26 -0.51 -11.97 30.40
C THR A 26 -0.94 -13.38 29.98
N PHE A 27 -0.37 -14.41 30.61
CA PHE A 27 -0.75 -15.79 30.30
C PHE A 27 -2.13 -16.04 30.91
N HIS A 28 -2.41 -15.32 32.01
CA HIS A 28 -3.68 -15.41 32.73
C HIS A 28 -4.56 -14.18 32.42
N ALA A 29 -4.45 -13.70 31.16
CA ALA A 29 -5.20 -12.56 30.64
C ALA A 29 -5.50 -12.89 29.18
N LEU A 30 -6.52 -12.23 28.60
CA LEU A 30 -6.93 -12.47 27.20
C LEU A 30 -7.08 -13.95 26.93
N LYS A 31 -7.48 -14.71 27.95
CA LYS A 31 -7.64 -16.16 27.89
C LYS A 31 -8.25 -16.73 26.59
N GLY A 32 -8.97 -15.88 25.86
CA GLY A 32 -9.55 -16.30 24.60
C GLY A 32 -8.51 -16.51 23.50
N LEU A 33 -7.66 -15.50 23.30
CA LEU A 33 -6.63 -15.51 22.24
C LEU A 33 -5.78 -16.75 21.92
N THR A 34 -5.88 -17.19 20.67
CA THR A 34 -5.14 -18.32 20.12
C THR A 34 -5.19 -18.11 18.59
N THR A 35 -4.25 -18.66 17.84
CA THR A 35 -4.28 -18.50 16.37
C THR A 35 -5.31 -19.50 15.88
N SER A 36 -6.21 -19.07 15.00
CA SER A 36 -7.25 -19.95 14.46
C SER A 36 -6.65 -21.18 13.83
N ARG A 37 -6.42 -22.18 14.67
CA ARG A 37 -5.85 -23.48 14.36
C ARG A 37 -5.45 -24.04 15.72
N GLY A 38 -5.89 -23.38 16.79
CA GLY A 38 -5.56 -23.83 18.12
C GLY A 38 -4.53 -22.91 18.76
N GLU A 39 -3.24 -23.26 18.62
CA GLU A 39 -2.10 -22.51 19.16
C GLU A 39 -2.42 -21.26 19.96
N PRO A 40 -2.43 -21.37 21.30
CA PRO A 40 -2.73 -20.23 22.18
C PRO A 40 -1.74 -19.10 21.99
N VAL A 41 -2.22 -17.87 22.21
CA VAL A 41 -1.36 -16.72 22.00
C VAL A 41 -1.59 -15.54 22.97
N GLN A 42 -2.34 -15.76 24.05
CA GLN A 42 -2.63 -14.70 25.00
C GLN A 42 -1.40 -14.15 25.73
N ALA A 43 -0.44 -15.03 26.06
CA ALA A 43 0.76 -14.59 26.77
C ALA A 43 1.68 -13.80 25.86
N VAL A 44 1.92 -14.32 24.67
CA VAL A 44 2.78 -13.61 23.74
C VAL A 44 2.19 -12.25 23.45
N TYR A 45 0.91 -12.25 23.06
CA TYR A 45 0.21 -11.00 22.75
C TYR A 45 0.29 -10.01 23.88
N GLY A 46 -0.23 -10.41 25.03
CA GLY A 46 -0.21 -9.51 26.17
C GLY A 46 1.17 -8.92 26.40
N PHE A 47 2.18 -9.76 26.37
CA PHE A 47 3.57 -9.31 26.58
C PHE A 47 4.02 -8.30 25.51
N ALA A 48 3.71 -8.62 24.26
CA ALA A 48 4.05 -7.76 23.14
C ALA A 48 3.36 -6.41 23.28
N LYS A 49 2.05 -6.44 23.51
CA LYS A 49 1.27 -5.21 23.64
C LYS A 49 1.79 -4.29 24.74
N SER A 50 1.98 -4.81 25.94
CA SER A 50 2.45 -3.99 27.05
C SER A 50 3.89 -3.52 26.87
N LEU A 51 4.70 -4.34 26.22
CA LEU A 51 6.11 -4.03 25.96
C LEU A 51 6.15 -2.75 25.14
N LEU A 52 5.43 -2.80 24.03
CA LEU A 52 5.31 -1.67 23.13
C LEU A 52 4.93 -0.39 23.87
N LYS A 53 3.92 -0.44 24.73
CA LYS A 53 3.50 0.74 25.46
C LYS A 53 4.70 1.44 26.11
N ALA A 54 5.48 0.72 26.91
CA ALA A 54 6.66 1.31 27.56
C ALA A 54 7.71 1.74 26.55
N LEU A 55 7.93 0.90 25.56
CA LEU A 55 8.90 1.15 24.51
C LEU A 55 8.50 2.39 23.69
N LYS A 56 7.22 2.77 23.76
CA LYS A 56 6.69 3.96 23.08
C LYS A 56 7.26 5.19 23.76
N GLU A 57 7.35 5.09 25.08
CA GLU A 57 7.91 6.14 25.93
C GLU A 57 9.42 5.91 26.03
N ASP A 58 9.82 4.66 25.75
CA ASP A 58 11.19 4.14 25.71
C ASP A 58 12.28 4.43 26.75
N GLY A 59 13.50 4.17 26.30
CA GLY A 59 14.72 4.36 27.07
C GLY A 59 15.84 4.05 26.09
N ASP A 60 17.05 4.53 26.39
CA ASP A 60 18.20 4.31 25.51
C ASP A 60 18.57 2.82 25.52
N ALA A 61 18.54 2.22 26.70
CA ALA A 61 18.87 0.82 26.91
C ALA A 61 17.69 0.12 27.50
N VAL A 62 17.36 -1.04 26.95
CA VAL A 62 16.23 -1.85 27.40
C VAL A 62 16.75 -3.25 27.74
N ILE A 63 16.40 -3.75 28.91
CA ILE A 63 16.81 -5.10 29.31
C ILE A 63 15.61 -5.84 29.86
N VAL A 64 15.31 -6.98 29.27
CA VAL A 64 14.20 -7.80 29.69
C VAL A 64 14.75 -8.91 30.58
N VAL A 65 14.35 -8.89 31.85
CA VAL A 65 14.81 -9.90 32.79
C VAL A 65 13.85 -11.11 32.87
N PHE A 66 14.43 -12.30 32.89
CA PHE A 66 13.69 -13.56 32.97
C PHE A 66 14.27 -14.39 34.13
N ASP A 67 13.63 -15.52 34.42
CA ASP A 67 14.07 -16.41 35.50
C ASP A 67 15.02 -17.38 34.85
N ALA A 68 16.24 -17.49 35.38
CA ALA A 68 17.23 -18.40 34.81
C ALA A 68 17.37 -19.70 35.61
N ARG A 85 8.85 -24.94 35.00
CA ARG A 85 9.89 -25.72 35.67
C ARG A 85 9.35 -26.80 36.61
N ALA A 86 9.10 -26.48 37.88
CA ALA A 86 8.58 -27.47 38.80
C ALA A 86 7.04 -27.67 38.63
N PRO A 87 6.22 -26.65 38.96
CA PRO A 87 4.79 -26.90 38.77
C PRO A 87 4.04 -25.83 37.94
N THR A 88 4.69 -25.31 36.89
CA THR A 88 4.10 -24.27 36.01
C THR A 88 3.10 -24.82 34.94
N PRO A 89 2.24 -23.93 34.36
CA PRO A 89 1.27 -24.37 33.35
C PRO A 89 1.86 -25.11 32.14
N GLU A 90 1.19 -26.18 31.71
CA GLU A 90 1.63 -27.02 30.59
C GLU A 90 1.95 -26.30 29.28
N ASP A 91 1.38 -25.11 29.12
CA ASP A 91 1.57 -24.32 27.92
C ASP A 91 2.46 -23.08 28.11
N PHE A 92 2.59 -22.63 29.35
CA PHE A 92 3.38 -21.46 29.68
C PHE A 92 4.76 -21.39 29.02
N PRO A 93 5.67 -22.33 29.32
CA PRO A 93 6.98 -22.25 28.68
C PRO A 93 6.97 -22.10 27.15
N ARG A 94 5.98 -22.72 26.49
CA ARG A 94 5.84 -22.67 25.02
C ARG A 94 5.75 -21.21 24.64
N GLN A 95 4.87 -20.51 25.32
CA GLN A 95 4.68 -19.10 25.06
C GLN A 95 5.81 -18.24 25.56
N LEU A 96 6.42 -18.61 26.68
CA LEU A 96 7.54 -17.83 27.23
C LEU A 96 8.73 -17.87 26.24
N ALA A 97 8.90 -19.00 25.58
CA ALA A 97 9.99 -19.20 24.63
C ALA A 97 9.78 -18.30 23.42
N LEU A 98 8.51 -18.06 23.07
CA LEU A 98 8.14 -17.19 21.94
C LEU A 98 8.34 -15.73 22.35
N ILE A 99 8.13 -15.44 23.63
CA ILE A 99 8.32 -14.09 24.17
C ILE A 99 9.78 -13.70 24.02
N LYS A 100 10.68 -14.59 24.43
CA LYS A 100 12.11 -14.35 24.33
C LYS A 100 12.54 -14.24 22.86
N GLU A 101 11.97 -15.10 22.00
CA GLU A 101 12.28 -15.08 20.59
C GLU A 101 11.94 -13.67 20.15
N LEU A 102 10.77 -13.20 20.55
CA LEU A 102 10.30 -11.85 20.23
C LEU A 102 11.24 -10.77 20.77
N VAL A 103 11.77 -10.94 21.97
CA VAL A 103 12.68 -9.96 22.56
C VAL A 103 13.93 -9.88 21.67
N ASP A 104 14.49 -11.04 21.33
CA ASP A 104 15.66 -11.10 20.47
C ASP A 104 15.43 -10.33 19.18
N LEU A 105 14.46 -10.81 18.41
CA LEU A 105 14.08 -10.26 17.11
C LEU A 105 13.79 -8.77 17.14
N LEU A 106 13.60 -8.20 18.32
CA LEU A 106 13.38 -6.76 18.45
C LEU A 106 14.68 -6.04 18.81
N GLY A 107 15.77 -6.79 18.99
CA GLY A 107 17.05 -6.18 19.33
C GLY A 107 17.13 -5.67 20.76
N LEU A 108 16.41 -6.30 21.68
CA LEU A 108 16.45 -5.87 23.08
C LEU A 108 17.35 -6.84 23.87
N ALA A 109 17.99 -6.36 24.93
CA ALA A 109 18.88 -7.18 25.74
C ALA A 109 18.08 -8.06 26.68
N ARG A 110 18.36 -9.36 26.64
CA ARG A 110 17.67 -10.32 27.48
C ARG A 110 18.67 -10.66 28.55
N LEU A 111 18.19 -10.89 29.76
CA LEU A 111 19.08 -11.23 30.85
C LEU A 111 18.45 -12.12 31.91
N GLU A 112 19.11 -13.24 32.16
CA GLU A 112 18.72 -14.20 33.18
C GLU A 112 20.07 -14.74 33.70
N VAL A 113 20.27 -14.68 35.01
CA VAL A 113 21.51 -15.19 35.58
C VAL A 113 21.11 -16.49 36.22
N PRO A 114 21.74 -17.61 35.80
CA PRO A 114 21.44 -18.93 36.35
C PRO A 114 21.49 -18.98 37.89
N GLY A 115 20.34 -19.28 38.51
CA GLY A 115 20.26 -19.37 39.96
C GLY A 115 19.63 -18.17 40.65
N TYR A 116 19.26 -17.16 39.88
CA TYR A 116 18.66 -15.97 40.47
C TYR A 116 17.23 -15.75 39.98
N GLU A 117 16.39 -15.24 40.89
CA GLU A 117 14.99 -14.97 40.58
C GLU A 117 14.84 -13.61 39.92
N ALA A 118 14.17 -13.59 38.78
CA ALA A 118 13.94 -12.38 38.02
C ALA A 118 13.97 -11.07 38.82
N ASP A 119 13.15 -10.98 39.87
CA ASP A 119 13.08 -9.79 40.71
C ASP A 119 14.41 -9.31 41.30
N ASP A 120 15.23 -10.23 41.79
CA ASP A 120 16.54 -9.89 42.37
C ASP A 120 17.46 -9.24 41.31
N VAL A 121 17.50 -9.84 40.13
CA VAL A 121 18.29 -9.34 39.05
C VAL A 121 17.74 -7.99 38.66
N LEU A 122 16.42 -7.86 38.62
CA LEU A 122 15.77 -6.58 38.26
C LEU A 122 16.15 -5.48 39.23
N ALA A 123 15.95 -5.74 40.51
CA ALA A 123 16.27 -4.78 41.55
C ALA A 123 17.74 -4.37 41.45
N SER A 124 18.61 -5.37 41.29
CA SER A 124 20.03 -5.13 41.17
C SER A 124 20.41 -4.35 39.91
N LEU A 125 19.75 -4.63 38.78
CA LEU A 125 20.02 -3.91 37.53
C LEU A 125 19.58 -2.46 37.69
N ALA A 126 18.45 -2.27 38.37
CA ALA A 126 17.95 -0.94 38.61
C ALA A 126 18.95 -0.16 39.44
N LYS A 127 19.47 -0.79 40.51
CA LYS A 127 20.43 -0.12 41.37
C LYS A 127 21.71 0.25 40.66
N LYS A 128 22.25 -0.69 39.91
CA LYS A 128 23.47 -0.48 39.14
C LYS A 128 23.27 0.72 38.21
N ALA A 129 22.36 0.59 37.25
CA ALA A 129 22.07 1.67 36.30
C ALA A 129 21.84 3.00 37.00
N GLU A 130 21.16 2.97 38.14
CA GLU A 130 20.89 4.17 38.93
C GLU A 130 22.21 4.81 39.35
N LYS A 131 23.05 4.02 40.02
CA LYS A 131 24.36 4.47 40.47
C LYS A 131 25.19 5.03 39.32
N GLU A 132 25.23 4.30 38.20
CA GLU A 132 25.99 4.73 37.02
C GLU A 132 25.48 6.01 36.35
N GLY A 133 24.58 6.72 37.00
CA GLY A 133 24.08 7.95 36.40
C GLY A 133 22.95 7.75 35.43
N TYR A 134 22.17 6.68 35.62
CA TYR A 134 21.03 6.43 34.74
C TYR A 134 19.73 6.69 35.47
N GLU A 135 18.74 7.07 34.69
CA GLU A 135 17.40 7.30 35.19
C GLU A 135 16.83 5.93 34.82
N VAL A 136 16.28 5.23 35.80
CA VAL A 136 15.75 3.88 35.55
C VAL A 136 14.23 3.73 35.68
N ARG A 137 13.62 3.16 34.64
CA ARG A 137 12.18 2.94 34.62
C ARG A 137 11.92 1.43 34.46
N ILE A 138 11.32 0.83 35.49
CA ILE A 138 11.04 -0.60 35.48
C ILE A 138 9.61 -0.91 35.09
N LEU A 139 9.41 -1.61 33.97
CA LEU A 139 8.06 -1.96 33.56
C LEU A 139 7.67 -3.23 34.28
N THR A 140 6.77 -3.09 35.26
CA THR A 140 6.30 -4.22 36.04
C THR A 140 4.97 -3.89 36.69
N ALA A 141 4.28 -4.95 37.09
CA ALA A 141 3.01 -4.86 37.79
C ALA A 141 3.24 -5.28 39.23
N ASP A 142 4.06 -6.32 39.43
CA ASP A 142 4.33 -6.81 40.78
C ASP A 142 4.81 -5.62 41.61
N LYS A 143 4.03 -5.35 42.66
CA LYS A 143 4.26 -4.23 43.56
C LYS A 143 5.54 -4.23 44.38
N ASP A 144 6.12 -5.40 44.64
CA ASP A 144 7.35 -5.49 45.43
C ASP A 144 8.37 -4.41 45.04
N LEU A 145 8.61 -4.27 43.74
CA LEU A 145 9.59 -3.30 43.22
C LEU A 145 9.32 -1.84 43.57
N TYR A 146 8.19 -1.60 44.23
CA TYR A 146 7.84 -0.25 44.62
C TYR A 146 8.79 0.24 45.69
N GLN A 147 9.43 -0.69 46.40
CA GLN A 147 10.37 -0.32 47.46
C GLN A 147 11.65 0.33 46.89
N LEU A 148 11.98 -0.03 45.66
CA LEU A 148 13.16 0.50 45.00
C LEU A 148 12.82 1.89 44.43
N LEU A 149 11.53 2.23 44.49
CA LEU A 149 11.05 3.50 43.99
C LEU A 149 11.90 4.61 44.59
N SER A 150 12.28 5.57 43.78
CA SER A 150 13.10 6.70 44.21
C SER A 150 13.20 7.63 43.02
N ASP A 151 13.91 8.73 43.20
CA ASP A 151 14.16 9.62 42.08
C ASP A 151 15.20 8.77 41.35
N ARG A 152 15.24 8.90 40.03
CA ARG A 152 16.14 8.10 39.18
C ARG A 152 15.37 6.79 38.86
N ILE A 153 15.03 6.01 39.89
CA ILE A 153 14.30 4.74 39.76
C ILE A 153 12.78 4.83 39.92
N HIS A 154 12.04 4.48 38.88
CA HIS A 154 10.59 4.53 38.91
C HIS A 154 10.02 3.19 38.47
N VAL A 155 8.70 3.12 38.36
CA VAL A 155 8.02 1.89 37.93
C VAL A 155 6.91 2.19 36.93
N LEU A 156 6.95 1.53 35.77
CA LEU A 156 5.91 1.67 34.74
C LEU A 156 4.95 0.47 34.86
N HIS A 157 3.69 0.75 35.14
CA HIS A 157 2.72 -0.32 35.30
C HIS A 157 2.29 -0.79 33.92
N PRO A 158 2.08 -2.10 33.74
CA PRO A 158 1.66 -2.64 32.44
C PRO A 158 0.42 -1.92 32.00
N GLU A 159 -0.40 -1.55 32.98
CA GLU A 159 -1.67 -0.86 32.81
C GLU A 159 -1.48 0.62 32.42
N GLY A 160 -0.43 1.23 32.96
CA GLY A 160 -0.16 2.62 32.68
C GLY A 160 0.62 3.29 33.81
N TYR A 161 0.15 4.47 34.21
CA TYR A 161 0.78 5.29 35.26
C TYR A 161 2.31 5.31 35.28
N LEU A 162 2.85 6.02 36.26
CA LEU A 162 4.27 6.15 36.44
C LEU A 162 4.39 6.14 37.95
N ILE A 163 4.37 4.94 38.51
CA ILE A 163 4.47 4.77 39.97
C ILE A 163 5.77 5.44 40.46
N THR A 164 5.62 6.55 41.17
CA THR A 164 6.76 7.29 41.69
C THR A 164 6.71 7.39 43.23
N PRO A 165 7.81 7.83 43.86
CA PRO A 165 7.85 7.96 45.32
C PRO A 165 6.72 8.87 45.84
N ALA A 166 6.41 9.89 45.05
CA ALA A 166 5.34 10.85 45.37
C ALA A 166 4.05 10.05 45.34
N TRP A 167 3.85 9.29 44.27
CA TRP A 167 2.68 8.44 44.11
C TRP A 167 2.52 7.60 45.38
N LEU A 168 3.64 7.27 46.00
CA LEU A 168 3.60 6.51 47.22
C LEU A 168 3.05 7.37 48.34
N TRP A 169 3.59 8.57 48.54
CA TRP A 169 3.12 9.45 49.60
C TRP A 169 1.67 9.91 49.39
N GLU A 170 1.33 10.25 48.16
CA GLU A 170 -0.01 10.74 47.83
C GLU A 170 -1.11 9.68 47.77
N LYS A 171 -0.78 8.48 47.30
CA LYS A 171 -1.78 7.43 47.18
C LYS A 171 -1.66 6.35 48.26
N TYR A 172 -0.56 6.38 49.02
CA TYR A 172 -0.34 5.39 50.07
C TYR A 172 0.08 6.03 51.39
N GLY A 173 0.70 7.19 51.32
CA GLY A 173 1.13 7.86 52.54
C GLY A 173 2.48 7.39 53.03
N LEU A 174 3.17 6.58 52.22
CA LEU A 174 4.48 6.07 52.63
C LEU A 174 5.65 6.51 51.73
N ARG A 175 6.82 6.03 52.09
CA ARG A 175 8.03 6.33 51.37
C ARG A 175 8.69 4.97 51.09
N PRO A 176 9.40 4.83 49.96
CA PRO A 176 10.08 3.60 49.55
C PRO A 176 10.86 2.87 50.64
N ASP A 177 11.60 3.63 51.45
CA ASP A 177 12.40 3.05 52.51
C ASP A 177 11.59 2.11 53.42
N GLN A 178 10.30 2.38 53.55
CA GLN A 178 9.42 1.57 54.36
C GLN A 178 8.19 1.05 53.63
N TRP A 179 8.41 0.47 52.45
CA TRP A 179 7.29 -0.06 51.69
C TRP A 179 7.30 -1.59 51.55
N ALA A 180 8.46 -2.20 51.70
CA ALA A 180 8.56 -3.66 51.64
C ALA A 180 8.21 -4.19 53.02
N ASP A 181 8.16 -3.26 53.97
CA ASP A 181 7.84 -3.53 55.38
C ASP A 181 6.32 -3.48 55.50
N TYR A 182 5.77 -2.38 55.02
CA TYR A 182 4.34 -2.12 55.00
C TYR A 182 3.65 -3.30 54.29
N ARG A 183 4.34 -3.88 53.32
CA ARG A 183 3.82 -5.00 52.57
C ARG A 183 3.96 -6.34 53.29
N ALA A 184 4.80 -6.40 54.32
CA ALA A 184 5.03 -7.63 55.09
C ALA A 184 3.91 -7.96 56.08
N LEU A 185 3.09 -6.98 56.42
CA LEU A 185 1.97 -7.17 57.33
C LEU A 185 0.67 -7.11 56.49
N THR A 186 0.76 -7.69 55.30
CA THR A 186 -0.33 -7.75 54.33
C THR A 186 -0.07 -9.05 53.53
N GLY A 187 -0.49 -9.14 52.26
CA GLY A 187 -0.24 -10.38 51.54
C GLY A 187 -0.44 -10.53 50.04
N ASP A 188 -0.60 -9.41 49.30
CA ASP A 188 -0.78 -9.46 47.85
C ASP A 188 -1.57 -10.70 47.39
N GLU A 189 -0.83 -11.72 47.00
CA GLU A 189 -1.36 -13.00 46.55
C GLU A 189 -0.15 -13.91 46.75
N SER A 190 -0.37 -15.10 47.30
CA SER A 190 0.72 -16.05 47.56
C SER A 190 1.65 -15.62 48.68
N ASP A 191 1.78 -14.30 48.89
CA ASP A 191 2.61 -13.73 49.94
C ASP A 191 1.82 -14.09 51.21
N ASN A 192 1.89 -15.37 51.55
CA ASN A 192 1.16 -15.96 52.66
C ASN A 192 1.19 -15.29 54.03
N LEU A 193 0.01 -14.80 54.42
CA LEU A 193 -0.22 -14.16 55.70
C LEU A 193 -1.76 -14.09 55.91
N PRO A 194 -2.41 -15.24 56.22
CA PRO A 194 -3.85 -15.35 56.44
C PRO A 194 -4.33 -15.05 57.88
N GLY A 195 -4.50 -13.77 58.20
CA GLY A 195 -4.95 -13.40 59.53
C GLY A 195 -4.48 -12.01 59.97
N VAL A 196 -5.42 -11.06 59.99
CA VAL A 196 -5.12 -9.68 60.37
C VAL A 196 -6.07 -9.12 61.47
N LYS A 197 -7.32 -9.61 61.48
CA LYS A 197 -8.38 -9.22 62.42
C LYS A 197 -9.07 -7.90 62.07
N GLY A 198 -8.49 -6.77 62.48
CA GLY A 198 -9.09 -5.49 62.20
C GLY A 198 -8.66 -4.37 63.11
N ILE A 199 -9.40 -4.18 64.21
CA ILE A 199 -9.16 -3.13 65.20
C ILE A 199 -9.67 -1.80 64.65
N GLY A 200 -10.74 -1.30 65.26
CA GLY A 200 -11.34 -0.05 64.83
C GLY A 200 -11.65 0.00 63.35
N GLU A 201 -11.89 -1.18 62.76
CA GLU A 201 -12.21 -1.37 61.34
C GLU A 201 -10.99 -1.32 60.39
N LYS A 202 -9.83 -0.97 60.94
CA LYS A 202 -8.59 -0.82 60.14
C LYS A 202 -7.97 -2.07 59.49
N THR A 203 -8.58 -3.25 59.68
CA THR A 203 -8.10 -4.52 59.12
C THR A 203 -6.61 -4.77 59.41
N ALA A 204 -5.78 -4.25 58.52
CA ALA A 204 -4.32 -4.34 58.55
C ALA A 204 -3.93 -3.32 57.50
N ARG A 205 -4.80 -3.16 56.50
CA ARG A 205 -4.62 -2.23 55.38
C ARG A 205 -4.88 -0.77 55.74
N LYS A 206 -6.09 -0.49 56.24
CA LYS A 206 -6.47 0.87 56.62
C LYS A 206 -5.55 1.34 57.74
N LEU A 207 -4.82 0.40 58.31
CA LEU A 207 -3.87 0.67 59.38
C LEU A 207 -2.49 0.85 58.72
N LEU A 208 -1.99 -0.23 58.11
CA LEU A 208 -0.69 -0.30 57.41
C LEU A 208 0.41 0.65 57.84
N GLU A 209 0.18 1.94 57.60
CA GLU A 209 1.11 3.01 57.93
C GLU A 209 1.24 3.30 59.43
N GLU A 210 0.12 3.14 60.14
CA GLU A 210 0.04 3.38 61.59
C GLU A 210 0.75 2.35 62.51
N TRP A 211 1.53 1.44 61.93
CA TRP A 211 2.30 0.48 62.72
C TRP A 211 3.77 0.86 62.49
N GLY A 212 3.98 1.81 61.57
CA GLY A 212 5.32 2.27 61.25
C GLY A 212 5.96 3.10 62.36
N SER A 213 5.11 3.55 63.29
CA SER A 213 5.56 4.32 64.43
C SER A 213 5.83 3.29 65.54
N LEU A 214 7.12 3.03 65.80
CA LEU A 214 7.58 2.03 66.78
C LEU A 214 7.25 0.66 66.18
N GLU A 215 8.28 0.07 65.58
CA GLU A 215 8.16 -1.20 64.88
C GLU A 215 7.42 -2.43 65.42
N ALA A 216 7.84 -2.95 66.56
CA ALA A 216 7.22 -4.14 67.15
C ALA A 216 7.64 -5.41 66.41
N LEU A 217 6.92 -5.71 65.32
CA LEU A 217 7.19 -6.89 64.52
C LEU A 217 8.62 -6.89 63.98
N LEU A 218 9.04 -5.77 63.38
CA LEU A 218 10.40 -5.65 62.86
C LEU A 218 11.16 -4.63 63.73
N LYS A 219 11.48 -5.04 64.95
CA LYS A 219 12.21 -4.25 65.96
C LYS A 219 11.37 -3.54 67.01
N ASN A 220 11.71 -3.80 68.27
CA ASN A 220 11.10 -3.24 69.49
C ASN A 220 9.67 -2.64 69.52
N LEU A 221 8.93 -3.07 70.56
CA LEU A 221 7.55 -2.68 70.90
C LEU A 221 6.89 -3.89 71.55
N ASP A 222 6.63 -3.79 72.85
CA ASP A 222 6.02 -4.89 73.60
C ASP A 222 4.50 -4.70 73.67
N ARG A 223 4.01 -4.21 74.80
CA ARG A 223 2.58 -4.02 75.02
C ARG A 223 1.90 -2.99 74.09
N LEU A 224 0.82 -3.41 73.46
CA LEU A 224 0.03 -2.57 72.56
C LEU A 224 -1.36 -3.20 72.36
N LYS A 225 -2.18 -2.55 71.54
CA LYS A 225 -3.56 -2.98 71.25
C LYS A 225 -3.74 -4.35 70.57
N PRO A 226 -4.97 -4.92 70.65
CA PRO A 226 -5.29 -6.22 70.03
C PRO A 226 -5.05 -6.10 68.53
N ALA A 227 -4.97 -7.24 67.83
CA ALA A 227 -4.71 -7.26 66.39
C ALA A 227 -3.38 -6.56 66.15
N ILE A 228 -3.42 -5.23 66.20
CA ILE A 228 -2.26 -4.36 66.02
C ILE A 228 -1.00 -5.02 66.61
N ARG A 229 -1.08 -5.49 67.84
CA ARG A 229 0.05 -6.14 68.47
C ARG A 229 -0.28 -7.61 68.61
N GLU A 230 -1.43 -7.87 69.23
CA GLU A 230 -1.92 -9.22 69.47
C GLU A 230 -1.69 -10.15 68.29
N LYS A 231 -2.12 -9.73 67.11
CA LYS A 231 -1.97 -10.54 65.89
C LYS A 231 -0.54 -10.64 65.36
N ILE A 232 0.28 -9.61 65.61
CA ILE A 232 1.69 -9.59 65.17
C ILE A 232 2.42 -10.83 65.70
N LEU A 233 2.43 -10.97 67.02
CA LEU A 233 3.08 -12.11 67.65
C LEU A 233 2.22 -13.36 67.50
N ALA A 234 0.91 -13.17 67.33
CA ALA A 234 -0.02 -14.26 67.17
C ALA A 234 0.18 -15.04 65.87
N HIS A 235 1.30 -14.81 65.22
CA HIS A 235 1.60 -15.51 63.99
C HIS A 235 3.09 -15.68 63.74
N MET A 236 3.70 -16.59 64.50
CA MET A 236 5.11 -16.91 64.36
C MET A 236 5.19 -17.80 63.12
N ASP A 237 6.36 -17.89 62.49
CA ASP A 237 6.54 -18.67 61.27
C ASP A 237 5.87 -17.98 60.05
N ASP A 238 4.69 -17.38 60.26
CA ASP A 238 3.97 -16.70 59.18
C ASP A 238 4.75 -15.47 58.70
N LEU A 239 5.72 -15.02 59.49
CA LEU A 239 6.53 -13.87 59.10
C LEU A 239 7.89 -14.26 58.52
N LYS A 240 8.42 -15.43 58.91
CA LYS A 240 9.71 -15.92 58.40
C LYS A 240 9.51 -16.59 57.02
N LEU A 241 8.62 -15.97 56.25
CA LEU A 241 8.26 -16.42 54.91
C LEU A 241 7.82 -15.14 54.20
N SER A 242 7.15 -14.24 54.93
CA SER A 242 6.70 -12.96 54.35
C SER A 242 7.91 -12.09 54.00
N TRP A 243 9.10 -12.53 54.42
CA TRP A 243 10.34 -11.79 54.12
C TRP A 243 10.56 -11.71 52.60
N ASP A 244 9.80 -12.51 51.85
CA ASP A 244 9.88 -12.57 50.40
C ASP A 244 9.68 -11.23 49.69
N LEU A 245 9.16 -10.25 50.43
CA LEU A 245 8.96 -8.91 49.88
C LEU A 245 10.36 -8.33 49.65
N ALA A 246 11.24 -8.56 50.63
CA ALA A 246 12.61 -8.09 50.58
C ALA A 246 13.46 -8.98 49.68
N LYS A 247 12.80 -9.91 48.97
CA LYS A 247 13.46 -10.80 48.01
C LYS A 247 13.71 -9.87 46.83
N VAL A 248 14.43 -8.79 47.15
CA VAL A 248 14.78 -7.72 46.24
C VAL A 248 16.12 -7.22 46.75
N ARG A 249 17.08 -8.12 46.82
CA ARG A 249 18.42 -7.76 47.24
C ARG A 249 18.99 -6.94 46.09
N THR A 250 19.49 -5.76 46.40
CA THR A 250 20.01 -4.89 45.38
C THR A 250 21.47 -5.14 45.04
N ASP A 251 22.09 -6.08 45.75
CA ASP A 251 23.50 -6.35 45.53
C ASP A 251 23.91 -7.61 44.77
N LEU A 252 23.05 -8.08 43.86
CA LEU A 252 23.41 -9.25 43.09
C LEU A 252 24.67 -8.94 42.28
N PRO A 253 25.66 -9.83 42.35
CA PRO A 253 26.92 -9.62 41.60
C PRO A 253 26.82 -9.97 40.10
N LEU A 254 26.73 -8.94 39.25
CA LEU A 254 26.61 -9.11 37.79
C LEU A 254 27.21 -7.93 37.00
N GLU A 255 27.69 -8.20 35.79
CA GLU A 255 28.32 -7.15 34.98
C GLU A 255 27.48 -6.46 33.91
N VAL A 256 26.92 -7.24 32.97
CA VAL A 256 26.08 -6.72 31.88
C VAL A 256 25.91 -5.20 31.81
N ASP A 257 26.55 -4.57 30.82
CA ASP A 257 26.43 -3.13 30.70
C ASP A 257 25.34 -2.59 29.80
N PHE A 258 24.87 -1.41 30.17
CA PHE A 258 23.75 -0.73 29.51
C PHE A 258 23.93 -0.09 28.11
N ALA A 259 23.87 -0.95 27.09
CA ALA A 259 24.00 -0.53 25.70
C ALA A 259 22.65 -0.22 25.05
N LYS A 260 22.69 0.54 23.97
CA LYS A 260 21.47 0.90 23.27
C LYS A 260 21.04 -0.25 22.35
N ARG A 261 19.74 -0.27 22.03
CA ARG A 261 19.11 -1.33 21.21
C ARG A 261 19.89 -1.83 20.00
N ARG A 262 19.73 -3.11 19.68
CA ARG A 262 20.39 -3.71 18.53
C ARG A 262 19.45 -3.50 17.38
N GLU A 263 19.76 -4.12 16.25
CA GLU A 263 18.93 -4.03 15.06
C GLU A 263 17.90 -5.16 15.08
N PRO A 264 16.62 -4.85 14.75
CA PRO A 264 15.59 -5.88 14.74
C PRO A 264 15.72 -6.76 13.50
N ASP A 265 15.35 -8.04 13.63
CA ASP A 265 15.42 -8.98 12.51
C ASP A 265 14.12 -8.84 11.71
N ARG A 266 13.96 -7.70 11.07
CA ARG A 266 12.75 -7.39 10.30
C ARG A 266 12.21 -8.48 9.35
N GLU A 267 13.09 -9.32 8.84
CA GLU A 267 12.65 -10.40 7.96
C GLU A 267 11.93 -11.45 8.81
N ARG A 268 12.50 -11.76 9.97
CA ARG A 268 11.92 -12.76 10.86
C ARG A 268 10.91 -12.24 11.87
N LEU A 269 10.87 -10.92 12.10
CA LEU A 269 9.89 -10.33 13.01
C LEU A 269 8.58 -10.49 12.28
N ARG A 270 8.65 -10.27 10.97
CA ARG A 270 7.53 -10.39 10.04
C ARG A 270 7.12 -11.87 10.01
N ALA A 271 8.06 -12.75 9.68
CA ALA A 271 7.77 -14.19 9.63
C ALA A 271 7.19 -14.66 10.95
N PHE A 272 7.74 -14.14 12.05
CA PHE A 272 7.31 -14.48 13.41
C PHE A 272 5.88 -14.07 13.67
N LEU A 273 5.64 -12.77 13.59
CA LEU A 273 4.33 -12.22 13.81
C LEU A 273 3.28 -12.85 12.93
N GLU A 274 3.63 -13.15 11.69
CA GLU A 274 2.65 -13.73 10.78
C GLU A 274 2.33 -15.18 11.15
N ARG A 275 3.26 -15.85 11.83
CA ARG A 275 3.05 -17.23 12.29
C ARG A 275 2.00 -17.29 13.39
N LEU A 276 1.95 -16.23 14.22
CA LEU A 276 0.99 -16.11 15.34
C LEU A 276 -0.25 -15.32 14.85
N GLU A 277 -0.23 -14.98 13.57
CA GLU A 277 -1.29 -14.24 12.90
C GLU A 277 -1.40 -12.81 13.40
N PHE A 278 -0.34 -12.36 14.06
CA PHE A 278 -0.28 -11.00 14.58
C PHE A 278 0.64 -10.13 13.74
N GLY A 279 0.91 -10.58 12.52
CA GLY A 279 1.73 -9.81 11.60
C GLY A 279 0.87 -8.64 11.23
N SER A 280 -0.43 -8.84 11.38
CA SER A 280 -1.45 -7.85 11.09
C SER A 280 -1.16 -6.51 11.79
N LEU A 281 -0.51 -6.56 12.95
CA LEU A 281 -0.20 -5.34 13.67
C LEU A 281 1.30 -5.01 13.81
N LEU A 282 2.08 -5.49 12.85
CA LEU A 282 3.53 -5.26 12.83
C LEU A 282 3.88 -3.77 12.70
N HIS A 283 3.05 -3.03 11.98
CA HIS A 283 3.23 -1.60 11.79
C HIS A 283 3.58 -0.85 13.10
N GLU A 284 3.02 -1.31 14.22
CA GLU A 284 3.29 -0.69 15.51
C GLU A 284 4.77 -0.73 15.84
N PHE A 285 5.42 -1.83 15.49
CA PHE A 285 6.84 -2.02 15.73
C PHE A 285 7.75 -1.14 14.90
N GLY A 286 7.19 -0.50 13.89
CA GLY A 286 8.01 0.39 13.09
C GLY A 286 8.18 1.67 13.89
N LEU A 287 7.21 1.97 14.75
CA LEU A 287 7.17 3.18 15.57
C LEU A 287 8.15 3.33 16.74
N LEU A 288 9.26 2.60 16.70
CA LEU A 288 10.28 2.71 17.74
C LEU A 288 11.59 3.16 17.13
N GLU A 289 11.82 2.75 15.88
CA GLU A 289 13.02 3.14 15.13
C GLU A 289 12.71 4.46 14.40
N SER A 290 11.89 5.30 15.03
CA SER A 290 11.45 6.58 14.48
C SER A 290 12.46 7.72 14.65
N PRO A 291 12.87 8.34 13.52
CA PRO A 291 13.84 9.44 13.54
C PRO A 291 13.35 10.62 14.39
N LYS A 292 14.02 10.82 15.52
CA LYS A 292 13.76 11.89 16.50
C LYS A 292 12.55 12.83 16.32
N ALA A 293 11.65 12.78 17.30
CA ALA A 293 10.44 13.59 17.31
C ALA A 293 10.68 15.11 17.30
N LEU A 294 10.14 15.77 16.27
CA LEU A 294 10.25 17.21 16.13
C LEU A 294 9.25 17.86 17.12
N GLU A 295 9.02 19.17 16.98
CA GLU A 295 8.10 19.87 17.88
C GLU A 295 6.66 19.77 17.40
N GLU A 296 5.75 19.57 18.35
CA GLU A 296 4.33 19.39 18.05
C GLU A 296 3.43 20.54 18.46
N ALA A 297 2.14 20.34 18.24
CA ALA A 297 1.10 21.30 18.58
C ALA A 297 -0.23 20.54 18.64
N PRO A 298 -1.21 21.07 19.39
CA PRO A 298 -2.55 20.49 19.55
C PRO A 298 -3.13 20.07 18.21
N TRP A 299 -4.23 19.31 18.20
CA TRP A 299 -4.77 18.85 16.94
C TRP A 299 -5.06 19.77 15.77
N PRO A 300 -6.25 20.43 15.73
CA PRO A 300 -6.53 21.29 14.58
C PRO A 300 -5.29 22.01 14.10
N PRO A 301 -4.72 21.55 12.97
CA PRO A 301 -3.52 22.19 12.45
C PRO A 301 -3.98 23.41 11.70
N PRO A 302 -3.07 24.35 11.42
CA PRO A 302 -3.47 25.55 10.69
C PRO A 302 -3.98 25.20 9.29
N GLU A 303 -4.71 26.12 8.67
CA GLU A 303 -5.23 25.92 7.32
C GLU A 303 -4.01 26.08 6.36
N GLY A 304 -3.66 25.00 5.66
CA GLY A 304 -2.53 25.02 4.74
C GLY A 304 -1.44 24.02 5.11
N ALA A 305 -1.70 23.25 6.16
CA ALA A 305 -0.79 22.24 6.65
C ALA A 305 -0.92 20.99 5.80
N PHE A 306 0.18 20.25 5.69
CA PHE A 306 0.19 19.02 4.92
C PHE A 306 -0.18 17.81 5.77
N VAL A 307 -1.14 17.03 5.31
CA VAL A 307 -1.56 15.86 6.05
C VAL A 307 -0.76 14.61 5.77
N GLY A 308 -0.60 13.80 6.81
CA GLY A 308 0.09 12.53 6.70
C GLY A 308 -0.96 11.59 7.26
N PHE A 309 -1.01 10.34 6.78
CA PHE A 309 -2.01 9.41 7.29
C PHE A 309 -1.61 7.97 7.08
N VAL A 310 -2.09 7.11 7.97
CA VAL A 310 -1.78 5.68 7.90
C VAL A 310 -3.06 4.84 7.89
N LEU A 311 -3.14 3.96 6.91
CA LEU A 311 -4.30 3.11 6.69
C LEU A 311 -3.95 1.65 6.96
N SER A 312 -4.95 0.87 7.37
CA SER A 312 -4.76 -0.55 7.63
C SER A 312 -4.39 -1.28 6.36
N ARG A 313 -4.93 -0.81 5.23
CA ARG A 313 -4.63 -1.40 3.91
C ARG A 313 -4.60 -0.34 2.82
N LYS A 314 -3.69 -0.49 1.86
CA LYS A 314 -3.48 0.44 0.75
C LYS A 314 -4.74 0.89 0.01
N GLU A 315 -5.71 0.01 -0.18
CA GLU A 315 -6.92 0.35 -0.88
C GLU A 315 -7.74 1.22 0.05
N PRO A 316 -7.86 2.51 -0.26
CA PRO A 316 -8.62 3.38 0.65
C PRO A 316 -10.06 3.04 0.90
N MET A 317 -10.77 2.54 -0.09
CA MET A 317 -12.17 2.23 0.15
C MET A 317 -12.33 1.11 1.18
N TRP A 318 -11.42 0.15 1.14
CA TRP A 318 -11.45 -1.00 2.01
C TRP A 318 -10.56 -0.84 3.21
N ALA A 319 -10.15 0.37 3.52
CA ALA A 319 -9.19 0.55 4.59
C ALA A 319 -9.73 1.26 5.81
N ASP A 320 -8.93 1.23 6.88
CA ASP A 320 -9.25 1.87 8.13
C ASP A 320 -8.14 2.90 8.38
N LEU A 321 -8.54 4.15 8.57
CA LEU A 321 -7.60 5.20 8.84
C LEU A 321 -7.10 5.02 10.27
N LEU A 322 -5.90 4.45 10.38
CA LEU A 322 -5.27 4.20 11.67
C LEU A 322 -4.74 5.46 12.32
N ALA A 323 -4.18 6.36 11.53
CA ALA A 323 -3.62 7.61 12.05
C ALA A 323 -3.74 8.75 11.06
N LEU A 324 -3.85 9.96 11.58
CA LEU A 324 -3.94 11.19 10.78
C LEU A 324 -3.15 12.27 11.50
N ALA A 325 -2.18 12.87 10.80
CA ALA A 325 -1.34 13.94 11.35
C ALA A 325 -1.26 15.07 10.33
N ALA A 326 -0.72 16.23 10.75
CA ALA A 326 -0.59 17.39 9.88
C ALA A 326 0.72 18.11 10.19
N ALA A 327 1.31 18.76 9.19
CA ALA A 327 2.55 19.48 9.40
C ALA A 327 2.46 20.89 8.83
N ARG A 328 3.10 21.82 9.53
CA ARG A 328 3.12 23.24 9.16
C ARG A 328 4.35 23.82 9.80
N GLY A 329 5.28 24.28 8.96
CA GLY A 329 6.51 24.88 9.46
C GLY A 329 7.37 23.86 10.18
N GLY A 330 7.04 22.57 10.04
CA GLY A 330 7.81 21.53 10.70
C GLY A 330 7.16 20.99 11.99
N ARG A 331 6.26 21.78 12.59
CA ARG A 331 5.58 21.37 13.81
C ARG A 331 4.53 20.35 13.42
N VAL A 332 4.68 19.13 13.91
CA VAL A 332 3.71 18.10 13.60
C VAL A 332 2.55 18.19 14.58
N HIS A 333 1.34 18.02 14.07
CA HIS A 333 0.12 18.07 14.86
C HIS A 333 -0.43 16.67 14.65
N ARG A 334 -0.85 15.99 15.71
CA ARG A 334 -1.41 14.64 15.58
C ARG A 334 -2.85 14.58 16.07
N ALA A 335 -3.73 13.97 15.28
CA ALA A 335 -5.13 13.83 15.64
C ALA A 335 -5.35 12.73 16.68
N PRO A 336 -6.12 13.02 17.74
CA PRO A 336 -6.41 12.05 18.82
C PRO A 336 -7.32 10.93 18.33
N GLU A 337 -8.18 11.26 17.36
CA GLU A 337 -9.13 10.32 16.75
C GLU A 337 -9.23 10.74 15.27
N PRO A 338 -8.54 10.02 14.37
CA PRO A 338 -8.50 10.28 12.93
C PRO A 338 -9.80 10.66 12.20
N TYR A 339 -10.86 9.88 12.38
CA TYR A 339 -12.13 10.13 11.70
C TYR A 339 -12.84 11.45 12.03
N LYS A 340 -12.99 11.74 13.30
CA LYS A 340 -13.63 12.98 13.68
C LYS A 340 -12.66 14.06 13.20
N ALA A 341 -11.37 13.78 13.34
CA ALA A 341 -10.31 14.70 12.92
C ALA A 341 -10.37 15.12 11.44
N LEU A 342 -10.79 14.21 10.54
CA LEU A 342 -10.90 14.53 9.11
C LEU A 342 -11.84 15.70 8.87
N ARG A 343 -12.75 15.93 9.81
CA ARG A 343 -13.73 17.00 9.72
C ARG A 343 -13.11 18.38 9.99
N ASP A 344 -11.88 18.40 10.47
CA ASP A 344 -11.20 19.65 10.79
C ASP A 344 -10.33 20.17 9.62
N LEU A 345 -10.35 19.44 8.50
CA LEU A 345 -9.56 19.83 7.34
C LEU A 345 -10.39 20.39 6.19
N LYS A 346 -9.88 21.42 5.55
CA LYS A 346 -10.55 22.04 4.42
C LYS A 346 -10.35 21.17 3.18
N GLU A 347 -9.23 20.44 3.14
CA GLU A 347 -8.88 19.55 2.01
C GLU A 347 -7.70 18.67 2.41
N ALA A 348 -7.45 17.63 1.63
CA ALA A 348 -6.30 16.77 1.91
C ALA A 348 -5.14 17.29 1.08
N ARG A 349 -4.15 17.85 1.75
CA ARG A 349 -2.98 18.40 1.09
C ARG A 349 -1.73 17.63 1.49
N GLY A 350 -1.21 16.79 0.61
CA GLY A 350 -0.01 16.02 0.92
C GLY A 350 0.15 14.80 0.03
N LEU A 351 1.15 13.96 0.29
CA LEU A 351 1.36 12.76 -0.53
C LEU A 351 0.10 11.91 -0.50
N LEU A 352 -0.22 11.33 -1.63
CA LEU A 352 -1.40 10.46 -1.77
C LEU A 352 -2.65 11.10 -1.20
N ALA A 353 -2.79 12.40 -1.47
CA ALA A 353 -3.94 13.16 -1.02
C ALA A 353 -5.21 12.53 -1.58
N LYS A 354 -5.17 12.07 -2.82
CA LYS A 354 -6.32 11.46 -3.47
C LYS A 354 -6.89 10.28 -2.63
N ASP A 355 -5.99 9.45 -2.12
CA ASP A 355 -6.35 8.29 -1.30
C ASP A 355 -7.05 8.62 0.00
N LEU A 356 -6.81 9.82 0.54
CA LEU A 356 -7.50 10.23 1.75
C LEU A 356 -8.90 10.72 1.41
N SER A 357 -9.06 11.40 0.27
CA SER A 357 -10.37 11.90 -0.13
C SER A 357 -11.34 10.79 -0.46
N VAL A 358 -10.80 9.66 -0.94
CA VAL A 358 -11.59 8.46 -1.26
C VAL A 358 -12.15 7.85 0.04
N LEU A 359 -11.33 7.87 1.10
CA LEU A 359 -11.68 7.37 2.43
C LEU A 359 -12.73 8.32 3.02
N ALA A 360 -12.45 9.63 3.00
CA ALA A 360 -13.39 10.63 3.51
C ALA A 360 -14.70 10.55 2.73
N LEU A 361 -14.63 10.28 1.43
CA LEU A 361 -15.83 10.17 0.61
C LEU A 361 -16.68 9.03 1.13
N ARG A 362 -16.05 7.85 1.23
CA ARG A 362 -16.72 6.67 1.77
C ARG A 362 -17.29 7.02 3.14
N GLU A 363 -16.57 7.85 3.86
CA GLU A 363 -16.99 8.29 5.19
C GLU A 363 -18.00 9.43 5.15
N GLY A 364 -18.56 9.68 3.96
CA GLY A 364 -19.55 10.76 3.77
C GLY A 364 -19.08 12.18 4.01
N LEU A 365 -17.77 12.41 3.92
CA LEU A 365 -17.15 13.73 4.15
C LEU A 365 -16.55 14.25 2.84
N GLY A 366 -16.89 15.49 2.48
CA GLY A 366 -16.36 16.06 1.25
C GLY A 366 -15.02 16.74 1.45
N LEU A 367 -13.95 15.94 1.37
CA LEU A 367 -12.61 16.47 1.53
C LEU A 367 -11.89 16.27 0.20
N PRO A 368 -11.86 17.33 -0.64
CA PRO A 368 -11.21 17.29 -1.96
C PRO A 368 -9.69 17.26 -1.87
N PRO A 369 -9.01 16.62 -2.86
CA PRO A 369 -7.55 16.52 -2.90
C PRO A 369 -6.88 17.83 -3.36
N GLY A 370 -5.91 18.29 -2.58
CA GLY A 370 -5.19 19.50 -2.89
C GLY A 370 -3.83 19.20 -3.45
N ASP A 371 -2.84 19.99 -3.09
CA ASP A 371 -1.47 19.77 -3.56
C ASP A 371 -0.97 18.43 -3.12
N ASP A 372 -0.10 17.85 -3.94
CA ASP A 372 0.49 16.56 -3.67
C ASP A 372 1.83 16.56 -4.39
N PRO A 373 2.94 16.35 -3.65
CA PRO A 373 4.31 16.32 -4.17
C PRO A 373 4.49 15.30 -5.30
N MET A 374 3.72 14.22 -5.28
CA MET A 374 3.79 13.19 -6.33
C MET A 374 3.44 13.73 -7.72
N LEU A 375 2.43 14.60 -7.76
CA LEU A 375 2.00 15.21 -9.01
C LEU A 375 3.10 16.09 -9.53
N LEU A 376 3.79 16.79 -8.64
CA LEU A 376 4.88 17.67 -9.02
C LEU A 376 6.05 16.86 -9.52
N ALA A 377 6.40 15.83 -8.75
CA ALA A 377 7.52 14.96 -9.10
C ALA A 377 7.31 14.28 -10.44
N TYR A 378 6.08 13.81 -10.68
CA TYR A 378 5.70 13.11 -11.90
C TYR A 378 5.82 13.97 -13.15
N LEU A 379 5.53 15.26 -12.99
CA LEU A 379 5.64 16.21 -14.07
C LEU A 379 7.12 16.48 -14.32
N LEU A 380 7.85 16.79 -13.27
CA LEU A 380 9.27 17.02 -13.41
C LEU A 380 9.95 15.81 -14.07
N ASP A 381 9.41 14.62 -13.85
CA ASP A 381 10.00 13.40 -14.41
C ASP A 381 9.09 12.17 -14.19
N PRO A 382 8.43 11.67 -15.24
CA PRO A 382 7.53 10.50 -15.18
C PRO A 382 8.18 9.19 -14.75
N SER A 383 9.38 9.25 -14.20
CA SER A 383 10.04 8.04 -13.74
C SER A 383 9.82 8.06 -12.24
N ASN A 384 9.23 9.17 -11.79
CA ASN A 384 8.86 9.39 -10.41
C ASN A 384 7.43 8.88 -10.34
N THR A 385 7.28 7.64 -9.89
CA THR A 385 5.98 6.98 -9.80
C THR A 385 5.49 6.51 -8.43
N THR A 386 6.38 6.39 -7.46
CA THR A 386 6.01 5.92 -6.13
C THR A 386 6.50 6.84 -5.04
N PRO A 387 5.75 6.93 -3.92
CA PRO A 387 6.16 7.79 -2.79
C PRO A 387 7.50 7.31 -2.22
N GLU A 388 7.64 6.00 -2.11
CA GLU A 388 8.85 5.39 -1.62
C GLU A 388 10.05 5.94 -2.41
N GLY A 389 9.95 5.92 -3.74
CA GLY A 389 11.04 6.39 -4.61
C GLY A 389 11.19 7.89 -4.75
N VAL A 390 10.06 8.60 -4.79
CA VAL A 390 10.12 10.04 -4.88
C VAL A 390 10.79 10.53 -3.61
N ALA A 391 10.36 10.01 -2.46
CA ALA A 391 10.91 10.38 -1.16
C ALA A 391 12.40 10.14 -1.04
N ARG A 392 12.84 8.97 -1.46
CA ARG A 392 14.25 8.60 -1.39
C ARG A 392 15.09 9.47 -2.29
N ARG A 393 14.65 9.65 -3.52
CA ARG A 393 15.35 10.46 -4.52
C ARG A 393 15.62 11.95 -4.11
N TYR A 394 14.67 12.59 -3.44
CA TYR A 394 14.82 13.99 -3.04
C TYR A 394 15.06 14.24 -1.56
N GLY A 395 15.86 13.38 -0.95
CA GLY A 395 16.22 13.55 0.45
C GLY A 395 15.17 13.39 1.52
N GLY A 396 14.58 12.20 1.57
CA GLY A 396 13.57 11.90 2.57
C GLY A 396 13.32 10.43 2.63
N GLU A 397 12.28 10.01 3.34
CA GLU A 397 11.95 8.62 3.43
C GLU A 397 10.48 8.40 3.76
N TRP A 398 9.88 7.49 3.00
CA TRP A 398 8.47 7.15 3.17
C TRP A 398 8.35 6.14 4.31
N THR A 399 8.03 6.65 5.50
CA THR A 399 7.90 5.82 6.67
C THR A 399 6.45 5.40 6.81
N GLU A 400 6.11 4.87 7.97
CA GLU A 400 4.75 4.42 8.24
C GLU A 400 4.10 5.23 9.36
N GLU A 401 4.62 6.41 9.65
CA GLU A 401 4.08 7.21 10.73
C GLU A 401 3.42 8.45 10.16
N ALA A 402 2.12 8.61 10.42
CA ALA A 402 1.34 9.74 9.94
C ALA A 402 2.10 11.04 10.06
N GLY A 403 2.78 11.21 11.18
CA GLY A 403 3.53 12.42 11.42
C GLY A 403 4.74 12.63 10.54
N GLU A 404 5.47 11.57 10.22
CA GLU A 404 6.65 11.68 9.37
C GLU A 404 6.30 11.82 7.88
N ARG A 405 5.18 11.23 7.49
CA ARG A 405 4.71 11.28 6.12
C ARG A 405 4.19 12.68 5.84
N ALA A 406 3.77 13.39 6.89
CA ALA A 406 3.25 14.75 6.75
C ALA A 406 4.37 15.76 6.57
N ALA A 407 5.37 15.68 7.45
CA ALA A 407 6.53 16.56 7.38
C ALA A 407 7.23 16.28 6.05
N LEU A 408 7.37 14.99 5.71
CA LEU A 408 7.97 14.62 4.42
C LEU A 408 7.14 15.24 3.29
N SER A 409 5.81 15.17 3.42
CA SER A 409 4.93 15.74 2.41
C SER A 409 5.15 17.23 2.25
N GLU A 410 5.62 17.87 3.31
CA GLU A 410 5.87 19.30 3.29
C GLU A 410 7.23 19.70 2.68
N ARG A 411 8.28 18.98 3.05
CA ARG A 411 9.60 19.27 2.52
C ARG A 411 9.66 18.92 1.06
N LEU A 412 8.99 17.86 0.66
CA LEU A 412 8.97 17.48 -0.74
C LEU A 412 8.26 18.53 -1.56
N PHE A 413 7.21 19.14 -1.02
CA PHE A 413 6.50 20.14 -1.76
C PHE A 413 7.35 21.37 -1.86
N ALA A 414 8.07 21.67 -0.79
CA ALA A 414 8.94 22.82 -0.77
C ALA A 414 9.97 22.62 -1.85
N ASN A 415 10.79 21.58 -1.68
CA ASN A 415 11.85 21.24 -2.63
C ASN A 415 11.40 21.22 -4.09
N LEU A 416 10.27 20.56 -4.36
CA LEU A 416 9.74 20.39 -5.70
C LEU A 416 8.97 21.54 -6.34
N TRP A 417 8.16 22.27 -5.57
CA TRP A 417 7.42 23.41 -6.14
C TRP A 417 8.41 24.45 -6.66
N GLY A 418 9.53 24.58 -5.94
CA GLY A 418 10.56 25.53 -6.32
C GLY A 418 11.22 25.33 -7.67
N ARG A 419 11.14 24.10 -8.18
CA ARG A 419 11.68 23.76 -9.49
C ARG A 419 10.60 23.94 -10.53
N LEU A 420 9.55 23.13 -10.42
CA LEU A 420 8.41 23.19 -11.32
C LEU A 420 8.01 24.66 -11.56
N GLU A 421 8.10 25.48 -10.51
CA GLU A 421 7.77 26.90 -10.58
C GLU A 421 8.35 27.63 -11.79
N GLY A 422 9.62 27.36 -12.08
CA GLY A 422 10.30 27.98 -13.20
C GLY A 422 9.91 27.38 -14.54
N GLU A 423 8.88 26.55 -14.56
CA GLU A 423 8.42 25.90 -15.79
C GLU A 423 6.94 26.17 -16.02
N GLU A 424 6.64 27.09 -16.92
CA GLU A 424 5.26 27.46 -17.22
C GLU A 424 4.39 26.40 -17.82
N ARG A 425 4.99 25.52 -18.61
CA ARG A 425 4.24 24.44 -19.26
C ARG A 425 3.88 23.37 -18.27
N LEU A 426 4.76 23.13 -17.31
CA LEU A 426 4.50 22.12 -16.28
C LEU A 426 3.50 22.73 -15.31
N LEU A 427 3.71 23.98 -14.91
CA LEU A 427 2.78 24.66 -14.00
C LEU A 427 1.38 24.67 -14.57
N TRP A 428 1.24 24.94 -15.86
CA TRP A 428 -0.07 24.97 -16.47
C TRP A 428 -0.74 23.63 -16.32
N LEU A 429 -0.01 22.54 -16.64
CA LEU A 429 -0.50 21.15 -16.54
C LEU A 429 -0.99 20.81 -15.12
N TYR A 430 -0.14 21.09 -14.13
CA TYR A 430 -0.47 20.84 -12.73
C TYR A 430 -1.80 21.51 -12.36
N ARG A 431 -1.82 22.82 -12.52
CA ARG A 431 -2.97 23.66 -12.21
C ARG A 431 -4.27 23.32 -13.00
N GLU A 432 -4.13 23.01 -14.28
CA GLU A 432 -5.29 22.73 -15.12
C GLU A 432 -5.59 21.26 -15.43
N VAL A 433 -4.66 20.37 -15.14
CA VAL A 433 -4.88 18.96 -15.43
C VAL A 433 -4.70 18.03 -14.22
N GLU A 434 -3.48 17.95 -13.69
CA GLU A 434 -3.16 17.08 -12.54
C GLU A 434 -3.96 17.32 -11.25
N ARG A 435 -3.84 18.51 -10.67
CA ARG A 435 -4.55 18.84 -9.45
C ARG A 435 -6.07 18.57 -9.52
N PRO A 436 -6.77 19.13 -10.52
CA PRO A 436 -8.22 18.86 -10.58
C PRO A 436 -8.60 17.42 -10.99
N LEU A 437 -7.69 16.74 -11.67
CA LEU A 437 -7.95 15.37 -12.08
C LEU A 437 -7.98 14.53 -10.81
N SER A 438 -7.18 14.90 -9.81
CA SER A 438 -7.12 14.22 -8.51
C SER A 438 -8.51 14.06 -7.91
N ALA A 439 -9.22 15.19 -7.84
CA ALA A 439 -10.57 15.28 -7.33
C ALA A 439 -11.55 14.47 -8.15
N VAL A 440 -11.32 14.37 -9.46
CA VAL A 440 -12.20 13.61 -10.33
C VAL A 440 -11.90 12.13 -10.12
N LEU A 441 -10.63 11.79 -9.89
CA LEU A 441 -10.23 10.42 -9.65
C LEU A 441 -10.87 9.89 -8.34
N ALA A 442 -10.82 10.71 -7.29
CA ALA A 442 -11.41 10.36 -6.00
C ALA A 442 -12.89 10.05 -6.08
N HIS A 443 -13.62 10.75 -6.93
CA HIS A 443 -15.06 10.50 -7.05
C HIS A 443 -15.33 9.26 -7.87
N MET A 444 -14.46 8.96 -8.83
CA MET A 444 -14.68 7.79 -9.64
C MET A 444 -14.41 6.54 -8.82
N GLU A 445 -13.29 6.57 -8.09
CA GLU A 445 -12.88 5.45 -7.24
C GLU A 445 -13.84 5.24 -6.07
N ALA A 446 -14.28 6.33 -5.48
CA ALA A 446 -15.23 6.31 -4.37
C ALA A 446 -16.64 5.98 -4.79
N THR A 447 -16.95 6.02 -6.08
CA THR A 447 -18.29 5.77 -6.56
C THR A 447 -18.52 4.32 -6.96
N GLY A 448 -17.53 3.72 -7.60
CA GLY A 448 -17.66 2.32 -7.98
C GLY A 448 -18.66 2.03 -9.10
N VAL A 449 -18.63 0.78 -9.60
CA VAL A 449 -19.52 0.29 -10.66
C VAL A 449 -20.29 -0.85 -10.04
N ARG A 450 -21.54 -1.02 -10.43
CA ARG A 450 -22.35 -2.12 -9.92
C ARG A 450 -21.98 -3.28 -10.85
N LEU A 451 -21.87 -4.49 -10.32
CA LEU A 451 -21.56 -5.63 -11.19
C LEU A 451 -22.71 -6.64 -11.16
N ASP A 452 -22.87 -7.40 -12.25
CA ASP A 452 -23.92 -8.40 -12.34
C ASP A 452 -23.27 -9.68 -11.81
N VAL A 453 -23.27 -9.83 -10.48
CA VAL A 453 -22.67 -11.00 -9.84
C VAL A 453 -23.29 -12.28 -10.34
N ALA A 454 -24.58 -12.22 -10.63
CA ALA A 454 -25.31 -13.38 -11.15
C ALA A 454 -24.69 -13.81 -12.49
N TYR A 455 -24.31 -12.83 -13.31
CA TYR A 455 -23.68 -13.09 -14.60
C TYR A 455 -22.25 -13.57 -14.39
N LEU A 456 -21.53 -12.92 -13.47
CA LEU A 456 -20.14 -13.31 -13.20
C LEU A 456 -20.01 -14.79 -12.89
N ARG A 457 -20.92 -15.30 -12.05
CA ARG A 457 -20.90 -16.71 -11.66
C ARG A 457 -21.24 -17.62 -12.85
N ALA A 458 -22.30 -17.27 -13.56
CA ALA A 458 -22.72 -18.03 -14.72
C ALA A 458 -21.57 -18.01 -15.74
N LEU A 459 -21.02 -16.82 -16.00
CA LEU A 459 -19.89 -16.67 -16.92
C LEU A 459 -18.72 -17.55 -16.48
N SER A 460 -18.46 -17.58 -15.19
CA SER A 460 -17.37 -18.39 -14.67
C SER A 460 -17.64 -19.88 -14.93
N LEU A 461 -18.90 -20.31 -14.80
CA LEU A 461 -19.26 -21.71 -15.09
C LEU A 461 -18.86 -21.99 -16.54
N GLU A 462 -19.29 -21.07 -17.40
CA GLU A 462 -19.03 -21.12 -18.83
C GLU A 462 -17.54 -21.16 -19.18
N VAL A 463 -16.75 -20.32 -18.52
CA VAL A 463 -15.31 -20.25 -18.78
C VAL A 463 -14.54 -21.39 -18.15
N ALA A 464 -15.10 -21.97 -17.08
CA ALA A 464 -14.47 -23.08 -16.36
C ALA A 464 -14.30 -24.25 -17.30
N GLU A 465 -15.41 -24.62 -17.93
CA GLU A 465 -15.45 -25.73 -18.88
C GLU A 465 -14.61 -25.49 -20.13
N GLU A 466 -14.57 -24.25 -20.61
CA GLU A 466 -13.75 -23.94 -21.78
C GLU A 466 -12.31 -24.33 -21.49
N ILE A 467 -11.89 -24.17 -20.24
CA ILE A 467 -10.53 -24.51 -19.80
C ILE A 467 -10.40 -26.05 -19.67
N ALA A 468 -11.47 -26.68 -19.20
CA ALA A 468 -11.50 -28.12 -19.02
C ALA A 468 -11.24 -28.83 -20.33
N ARG A 469 -12.06 -28.53 -21.32
CA ARG A 469 -11.94 -29.14 -22.64
C ARG A 469 -10.54 -28.97 -23.20
N LEU A 470 -9.93 -27.81 -22.95
CA LEU A 470 -8.58 -27.54 -23.44
C LEU A 470 -7.52 -28.39 -22.74
N GLU A 471 -7.74 -28.70 -21.47
CA GLU A 471 -6.79 -29.52 -20.72
C GLU A 471 -6.96 -30.97 -21.18
N ALA A 472 -8.24 -31.36 -21.33
CA ALA A 472 -8.60 -32.69 -21.78
C ALA A 472 -7.91 -32.98 -23.10
N GLU A 473 -8.03 -32.05 -24.04
CA GLU A 473 -7.40 -32.17 -25.36
C GLU A 473 -5.87 -32.23 -25.25
N VAL A 474 -5.31 -31.63 -24.20
CA VAL A 474 -3.86 -31.66 -24.00
C VAL A 474 -3.42 -33.02 -23.41
N PHE A 475 -4.40 -33.84 -23.04
CA PHE A 475 -4.14 -35.17 -22.50
C PHE A 475 -4.54 -36.19 -23.56
N ARG A 476 -5.60 -35.86 -24.28
CA ARG A 476 -6.10 -36.67 -25.37
C ARG A 476 -4.89 -36.83 -26.31
N LEU A 477 -4.22 -35.70 -26.56
CA LEU A 477 -3.01 -35.69 -27.36
C LEU A 477 -1.92 -35.76 -26.29
N ALA A 478 -0.74 -36.28 -26.65
CA ALA A 478 0.39 -36.43 -25.71
C ALA A 478 0.25 -37.66 -24.82
N GLY A 479 -0.89 -38.33 -24.89
CA GLY A 479 -1.13 -39.53 -24.10
C GLY A 479 -1.35 -39.34 -22.61
N HIS A 480 -0.28 -39.49 -21.82
CA HIS A 480 -0.36 -39.39 -20.36
C HIS A 480 -1.01 -38.15 -19.81
N PRO A 481 -2.21 -38.31 -19.22
CA PRO A 481 -2.95 -37.20 -18.63
C PRO A 481 -2.18 -36.61 -17.47
N PHE A 482 -1.17 -35.80 -17.78
CA PHE A 482 -0.35 -35.14 -16.77
C PHE A 482 -1.13 -33.90 -16.31
N ASN A 483 -0.49 -33.01 -15.56
CA ASN A 483 -1.16 -31.80 -15.13
C ASN A 483 -0.38 -30.59 -15.62
N LEU A 484 -1.05 -29.77 -16.42
CA LEU A 484 -0.44 -28.57 -16.99
C LEU A 484 0.06 -27.61 -15.91
N ASN A 485 0.84 -26.61 -16.33
CA ASN A 485 1.41 -25.62 -15.43
C ASN A 485 2.57 -26.13 -14.59
N SER A 486 2.44 -27.33 -13.99
CA SER A 486 3.50 -27.93 -13.18
C SER A 486 4.72 -28.18 -14.09
N ARG A 487 5.44 -27.11 -14.42
CA ARG A 487 6.59 -27.10 -15.35
C ARG A 487 7.57 -28.28 -15.43
N ASP A 488 7.58 -29.14 -14.42
CA ASP A 488 8.46 -30.32 -14.43
C ASP A 488 8.02 -31.28 -15.54
N GLN A 489 6.70 -31.44 -15.67
CA GLN A 489 6.07 -32.30 -16.67
C GLN A 489 6.29 -31.80 -18.10
N LEU A 490 6.04 -30.52 -18.32
CA LEU A 490 6.17 -29.88 -19.63
C LEU A 490 7.39 -30.33 -20.42
N GLU A 491 8.54 -30.37 -19.75
CA GLU A 491 9.78 -30.79 -20.38
C GLU A 491 9.64 -32.25 -20.82
N ARG A 492 9.08 -33.07 -19.93
CA ARG A 492 8.87 -34.52 -20.15
C ARG A 492 7.93 -34.89 -21.31
N VAL A 493 6.77 -34.26 -21.39
CA VAL A 493 5.83 -34.53 -22.47
C VAL A 493 6.50 -34.22 -23.80
N LEU A 494 7.47 -33.32 -23.77
CA LEU A 494 8.22 -32.93 -24.96
C LEU A 494 9.47 -33.80 -25.21
N PHE A 495 9.58 -34.92 -24.48
CA PHE A 495 10.68 -35.87 -24.67
C PHE A 495 10.03 -37.15 -25.22
N ASP A 496 8.73 -37.28 -24.99
CA ASP A 496 7.93 -38.40 -25.48
C ASP A 496 7.56 -38.13 -26.96
N GLU A 497 7.82 -36.90 -27.39
CA GLU A 497 7.59 -36.40 -28.75
C GLU A 497 8.62 -35.27 -28.77
N LEU A 498 9.84 -35.56 -29.24
CA LEU A 498 10.93 -34.57 -29.21
C LEU A 498 10.93 -33.41 -30.20
N GLY A 499 11.44 -32.28 -29.70
CA GLY A 499 11.57 -31.06 -30.47
C GLY A 499 11.80 -29.90 -29.51
N LEU A 500 13.05 -29.42 -29.40
CA LEU A 500 13.37 -28.32 -28.49
C LEU A 500 14.77 -27.68 -28.66
N PRO A 501 14.84 -26.44 -29.20
CA PRO A 501 16.08 -25.70 -29.43
C PRO A 501 16.28 -24.56 -28.40
N ALA A 502 16.44 -23.33 -28.88
CA ALA A 502 16.61 -22.15 -28.02
C ALA A 502 15.38 -21.25 -28.26
N ILE A 503 15.38 -20.03 -27.70
CA ILE A 503 14.24 -19.11 -27.89
C ILE A 503 14.66 -17.86 -28.70
N GLY A 504 15.38 -16.97 -28.02
CA GLY A 504 15.87 -15.74 -28.61
C GLY A 504 17.00 -15.24 -27.72
N LYS A 505 16.92 -13.98 -27.30
CA LYS A 505 17.95 -13.42 -26.44
C LYS A 505 17.44 -12.99 -25.06
N THR A 506 16.19 -12.54 -25.00
CA THR A 506 15.55 -12.09 -23.75
C THR A 506 15.15 -13.23 -22.80
N GLU A 507 15.41 -13.05 -21.50
CA GLU A 507 15.06 -14.05 -20.47
C GLU A 507 15.78 -15.37 -20.75
N LYS A 508 16.96 -15.55 -20.16
CA LYS A 508 17.74 -16.77 -20.44
C LYS A 508 17.95 -17.84 -19.34
N THR A 509 17.83 -19.10 -19.79
CA THR A 509 18.03 -20.35 -19.03
C THR A 509 17.40 -20.77 -17.68
N GLY A 510 17.06 -19.82 -16.82
CA GLY A 510 16.47 -20.20 -15.54
C GLY A 510 15.04 -20.72 -15.70
N LYS A 511 14.48 -21.32 -14.65
CA LYS A 511 13.11 -21.86 -14.70
C LYS A 511 12.04 -20.79 -14.98
N ARG A 512 12.41 -19.52 -14.77
CA ARG A 512 11.53 -18.38 -15.00
C ARG A 512 11.71 -17.87 -16.43
N SER A 513 12.97 -17.80 -16.87
CA SER A 513 13.27 -17.35 -18.22
C SER A 513 12.66 -18.36 -19.20
N THR A 514 12.52 -19.62 -18.74
CA THR A 514 11.89 -20.66 -19.55
C THR A 514 10.40 -20.35 -19.64
N SER A 515 9.70 -20.41 -18.51
CA SER A 515 8.26 -20.12 -18.50
C SER A 515 7.93 -18.73 -19.07
N ALA A 516 8.95 -17.90 -19.26
CA ALA A 516 8.76 -16.57 -19.82
C ALA A 516 8.62 -16.64 -21.36
N ALA A 517 9.69 -17.03 -22.04
CA ALA A 517 9.69 -17.11 -23.49
C ALA A 517 9.71 -18.51 -24.10
N VAL A 518 10.06 -19.52 -23.30
CA VAL A 518 10.14 -20.91 -23.78
C VAL A 518 8.77 -21.29 -24.33
N LEU A 519 8.76 -22.25 -25.26
CA LEU A 519 7.52 -22.76 -25.85
C LEU A 519 6.86 -21.85 -26.89
N GLU A 520 6.84 -20.53 -26.63
CA GLU A 520 6.22 -19.58 -27.55
C GLU A 520 6.74 -19.78 -28.97
N ALA A 521 8.05 -19.83 -29.11
CA ALA A 521 8.66 -20.04 -30.41
C ALA A 521 8.06 -21.31 -31.04
N LEU A 522 7.86 -22.33 -30.20
CA LEU A 522 7.36 -23.63 -30.61
C LEU A 522 5.85 -23.83 -30.86
N ARG A 523 5.04 -22.82 -30.55
CA ARG A 523 3.59 -22.91 -30.74
C ARG A 523 3.16 -23.11 -32.18
N GLU A 524 4.05 -22.77 -33.10
CA GLU A 524 3.79 -22.83 -34.55
C GLU A 524 3.21 -24.09 -35.20
N ALA A 525 4.02 -25.14 -35.30
CA ALA A 525 3.56 -26.36 -35.97
C ALA A 525 2.98 -27.54 -35.17
N HIS A 526 2.70 -27.35 -33.88
CA HIS A 526 2.13 -28.46 -33.10
C HIS A 526 0.93 -28.06 -32.25
N PRO A 527 -0.26 -28.60 -32.58
CA PRO A 527 -1.51 -28.33 -31.87
C PRO A 527 -1.34 -28.48 -30.37
N ILE A 528 -0.59 -29.50 -29.95
CA ILE A 528 -0.35 -29.73 -28.53
C ILE A 528 0.30 -28.51 -27.86
N VAL A 529 1.35 -27.94 -28.47
CA VAL A 529 2.03 -26.77 -27.90
C VAL A 529 1.26 -25.46 -28.13
N GLU A 530 0.10 -25.56 -28.78
CA GLU A 530 -0.74 -24.39 -29.03
C GLU A 530 -1.95 -24.41 -28.10
N LYS A 531 -2.57 -25.58 -27.94
CA LYS A 531 -3.73 -25.73 -27.06
C LYS A 531 -3.24 -25.39 -25.67
N ILE A 532 -1.96 -25.67 -25.42
CA ILE A 532 -1.29 -25.40 -24.15
C ILE A 532 -1.28 -23.90 -23.85
N LEU A 533 -1.13 -23.08 -24.89
CA LEU A 533 -1.16 -21.63 -24.73
C LEU A 533 -2.59 -21.27 -24.36
N GLN A 534 -3.54 -21.70 -25.19
CA GLN A 534 -4.96 -21.43 -24.99
C GLN A 534 -5.41 -21.67 -23.56
N TYR A 535 -4.96 -22.76 -22.97
CA TYR A 535 -5.29 -23.13 -21.58
C TYR A 535 -4.57 -22.20 -20.62
N ARG A 536 -3.26 -22.35 -20.59
CA ARG A 536 -2.36 -21.59 -19.74
C ARG A 536 -2.75 -20.12 -19.62
N GLU A 537 -3.10 -19.49 -20.73
CA GLU A 537 -3.51 -18.08 -20.77
C GLU A 537 -4.95 -17.83 -20.34
N LEU A 538 -5.88 -18.63 -20.87
CA LEU A 538 -7.29 -18.47 -20.53
C LEU A 538 -7.51 -18.58 -19.01
N THR A 539 -6.67 -19.34 -18.32
CA THR A 539 -6.82 -19.46 -16.86
C THR A 539 -6.46 -18.14 -16.21
N LYS A 540 -5.41 -17.49 -16.72
CA LYS A 540 -4.99 -16.20 -16.19
C LYS A 540 -6.11 -15.19 -16.36
N LEU A 541 -6.64 -15.07 -17.58
CA LEU A 541 -7.71 -14.13 -17.84
C LEU A 541 -8.92 -14.35 -16.91
N LYS A 542 -9.19 -15.61 -16.62
CA LYS A 542 -10.28 -16.00 -15.77
C LYS A 542 -9.99 -15.64 -14.32
N SER A 543 -8.76 -15.95 -13.89
CA SER A 543 -8.30 -15.69 -12.52
C SER A 543 -8.10 -14.21 -12.23
N THR A 544 -7.83 -13.44 -13.27
CA THR A 544 -7.61 -12.01 -13.15
C THR A 544 -8.86 -11.18 -13.38
N TYR A 545 -9.77 -11.66 -14.22
CA TYR A 545 -10.98 -10.90 -14.55
C TYR A 545 -12.36 -11.44 -14.24
N ILE A 546 -12.49 -12.73 -13.94
CA ILE A 546 -13.81 -13.29 -13.66
C ILE A 546 -14.04 -13.81 -12.24
N ASP A 547 -12.97 -14.16 -11.54
CA ASP A 547 -13.08 -14.68 -10.17
C ASP A 547 -12.89 -13.67 -9.04
N PRO A 548 -11.86 -12.80 -9.13
CA PRO A 548 -11.66 -11.84 -8.05
C PRO A 548 -12.79 -10.85 -7.98
N LEU A 549 -13.45 -10.64 -9.12
CA LEU A 549 -14.52 -9.67 -9.25
C LEU A 549 -15.72 -9.68 -8.32
N PRO A 550 -16.38 -10.84 -8.11
CA PRO A 550 -17.54 -10.87 -7.21
C PRO A 550 -17.12 -10.59 -5.77
N ASP A 551 -15.88 -10.95 -5.46
CA ASP A 551 -15.29 -10.77 -4.14
C ASP A 551 -14.86 -9.31 -3.85
N LEU A 552 -14.69 -8.52 -4.90
CA LEU A 552 -14.31 -7.11 -4.78
C LEU A 552 -15.48 -6.18 -4.62
N ILE A 553 -16.68 -6.76 -4.47
CA ILE A 553 -17.91 -6.00 -4.25
C ILE A 553 -17.89 -5.50 -2.79
N HIS A 554 -17.70 -4.21 -2.61
CA HIS A 554 -17.63 -3.63 -1.27
C HIS A 554 -18.96 -3.82 -0.50
N PRO A 555 -18.92 -4.20 0.81
CA PRO A 555 -20.08 -4.42 1.68
C PRO A 555 -20.99 -3.20 1.93
N ARG A 556 -20.38 -2.05 2.08
CA ARG A 556 -21.14 -0.86 2.28
C ARG A 556 -21.72 -0.28 0.99
N THR A 557 -20.97 -0.31 -0.12
CA THR A 557 -21.45 0.28 -1.36
C THR A 557 -22.13 -0.68 -2.31
N GLY A 558 -21.68 -1.92 -2.31
CA GLY A 558 -22.25 -2.91 -3.20
C GLY A 558 -21.74 -2.68 -4.62
N ARG A 559 -20.55 -2.08 -4.71
CA ARG A 559 -19.95 -1.79 -5.99
C ARG A 559 -18.47 -2.08 -5.94
N LEU A 560 -17.89 -2.29 -7.12
CA LEU A 560 -16.47 -2.56 -7.28
C LEU A 560 -15.81 -1.19 -7.39
N HIS A 561 -14.73 -0.97 -6.65
CA HIS A 561 -14.05 0.32 -6.72
C HIS A 561 -12.67 0.17 -7.31
N THR A 562 -12.60 0.29 -8.64
CA THR A 562 -11.33 0.18 -9.35
C THR A 562 -10.48 1.32 -8.81
N ARG A 563 -9.17 1.18 -8.85
CA ARG A 563 -8.30 2.21 -8.34
C ARG A 563 -7.62 2.93 -9.53
N PHE A 564 -7.43 4.26 -9.42
CA PHE A 564 -6.80 5.06 -10.49
C PHE A 564 -5.54 5.79 -10.07
N ASN A 565 -4.42 5.40 -10.64
CA ASN A 565 -3.15 6.03 -10.35
C ASN A 565 -2.89 7.09 -11.43
N GLN A 566 -2.83 8.35 -11.01
CA GLN A 566 -2.60 9.53 -11.87
C GLN A 566 -1.18 9.62 -12.42
N THR A 567 -0.22 9.13 -11.66
CA THR A 567 1.18 9.09 -12.09
C THR A 567 1.34 7.65 -12.66
N ALA A 568 2.34 6.88 -12.26
CA ALA A 568 2.46 5.49 -12.74
C ALA A 568 2.94 5.13 -14.15
N THR A 569 2.27 5.60 -15.20
CA THR A 569 2.70 5.22 -16.55
C THR A 569 3.80 6.06 -17.17
N ALA A 570 4.29 5.55 -18.31
CA ALA A 570 5.35 6.18 -19.08
C ALA A 570 4.84 7.29 -19.99
N THR A 571 3.64 7.07 -20.52
CA THR A 571 2.97 8.02 -21.43
C THR A 571 2.15 9.13 -20.74
N GLY A 572 1.85 8.96 -19.46
CA GLY A 572 1.07 9.95 -18.76
C GLY A 572 -0.37 9.48 -18.74
N ARG A 573 -0.57 8.20 -19.03
CA ARG A 573 -1.88 7.61 -19.02
C ARG A 573 -2.28 7.14 -17.64
N LEU A 574 -3.58 7.19 -17.36
CA LEU A 574 -4.10 6.73 -16.08
C LEU A 574 -3.80 5.24 -15.91
N CYS A 575 -3.37 4.84 -14.73
CA CYS A 575 -3.13 3.44 -14.50
C CYS A 575 -4.26 3.03 -13.57
N CYS A 576 -4.85 1.85 -13.79
CA CYS A 576 -5.90 1.37 -12.89
C CYS A 576 -5.60 -0.05 -12.41
N CYS A 577 -6.09 -0.37 -11.23
CA CYS A 577 -5.86 -1.69 -10.68
C CYS A 577 -7.03 -2.12 -9.82
N ASP A 578 -7.12 -3.43 -9.61
CA ASP A 578 -8.16 -4.07 -8.81
C ASP A 578 -9.60 -3.98 -9.36
N PRO A 579 -9.84 -4.46 -10.60
CA PRO A 579 -8.98 -5.07 -11.62
C PRO A 579 -8.42 -4.04 -12.59
N ASN A 580 -7.44 -4.46 -13.39
CA ASN A 580 -6.82 -3.58 -14.38
C ASN A 580 -7.67 -3.67 -15.64
N LEU A 581 -8.66 -2.79 -15.69
CA LEU A 581 -9.58 -2.72 -16.81
C LEU A 581 -8.87 -2.59 -18.15
N GLN A 582 -7.70 -1.96 -18.10
CA GLN A 582 -6.89 -1.71 -19.28
C GLN A 582 -6.53 -2.99 -20.00
N ASN A 583 -6.09 -3.99 -19.24
CA ASN A 583 -5.68 -5.27 -19.82
C ASN A 583 -6.86 -6.21 -20.13
N ILE A 584 -8.09 -5.74 -19.91
CA ILE A 584 -9.25 -6.55 -20.26
C ILE A 584 -9.19 -6.56 -21.78
N PRO A 585 -9.20 -7.75 -22.40
CA PRO A 585 -9.14 -7.91 -23.86
C PRO A 585 -10.21 -7.21 -24.71
N VAL A 586 -9.82 -6.13 -25.39
CA VAL A 586 -10.75 -5.40 -26.24
C VAL A 586 -11.06 -6.20 -27.50
N ARG A 587 -12.31 -6.14 -27.94
CA ARG A 587 -12.71 -6.81 -29.18
C ARG A 587 -12.44 -8.33 -29.33
N THR A 588 -12.74 -9.12 -28.30
CA THR A 588 -12.55 -10.56 -28.38
C THR A 588 -13.78 -11.19 -27.77
N PRO A 589 -14.04 -12.47 -28.05
CA PRO A 589 -15.23 -13.11 -27.48
C PRO A 589 -15.25 -12.93 -25.94
N LEU A 590 -14.10 -13.10 -25.29
CA LEU A 590 -14.00 -12.98 -23.84
C LEU A 590 -14.03 -11.56 -23.26
N GLY A 591 -13.22 -10.65 -23.81
CA GLY A 591 -13.22 -9.29 -23.30
C GLY A 591 -14.61 -8.69 -23.35
N GLN A 592 -15.30 -8.91 -24.48
CA GLN A 592 -16.67 -8.43 -24.69
C GLN A 592 -17.60 -9.05 -23.63
N ARG A 593 -17.40 -10.33 -23.36
CA ARG A 593 -18.18 -11.06 -22.36
C ARG A 593 -17.97 -10.47 -20.97
N ILE A 594 -16.72 -10.15 -20.67
CA ILE A 594 -16.34 -9.58 -19.38
C ILE A 594 -16.91 -8.18 -19.11
N ARG A 595 -16.98 -7.34 -20.15
CA ARG A 595 -17.52 -5.98 -19.97
C ARG A 595 -19.01 -6.03 -19.71
N ARG A 596 -19.65 -7.10 -20.13
CA ARG A 596 -21.07 -7.26 -19.88
C ARG A 596 -21.30 -7.38 -18.38
N GLY A 597 -20.26 -7.78 -17.65
CA GLY A 597 -20.36 -7.93 -16.21
C GLY A 597 -20.65 -6.60 -15.54
N PHE A 598 -20.06 -5.53 -16.06
CA PHE A 598 -20.23 -4.21 -15.49
C PHE A 598 -21.62 -3.67 -15.86
N ILE A 599 -22.48 -3.44 -14.88
CA ILE A 599 -23.84 -2.95 -15.14
C ILE A 599 -24.20 -1.60 -14.51
N ALA A 600 -25.33 -1.04 -14.95
CA ALA A 600 -25.79 0.24 -14.44
C ALA A 600 -26.68 0.06 -13.21
N GLU A 601 -26.77 1.10 -12.37
CA GLU A 601 -27.60 1.06 -11.18
C GLU A 601 -29.04 0.83 -11.65
N GLU A 602 -29.85 0.27 -10.77
CA GLU A 602 -31.23 -0.07 -11.08
C GLU A 602 -32.04 0.80 -12.04
N GLY A 603 -32.04 2.11 -11.85
CA GLY A 603 -32.81 2.95 -12.75
C GLY A 603 -31.97 3.94 -13.54
N TRP A 604 -30.71 3.57 -13.71
CA TRP A 604 -29.75 4.38 -14.43
C TRP A 604 -29.37 3.67 -15.69
N LEU A 605 -28.53 4.32 -16.47
CA LEU A 605 -28.04 3.74 -17.71
C LEU A 605 -26.59 4.13 -17.82
N LEU A 606 -25.81 3.27 -18.48
CA LEU A 606 -24.39 3.50 -18.70
C LEU A 606 -24.16 4.20 -20.04
N VAL A 607 -23.38 5.26 -20.03
CA VAL A 607 -23.07 6.02 -21.24
C VAL A 607 -21.58 5.93 -21.47
N ALA A 608 -21.17 5.17 -22.48
CA ALA A 608 -19.76 5.06 -22.77
C ALA A 608 -19.46 5.97 -23.97
N LEU A 609 -18.50 6.89 -23.82
CA LEU A 609 -18.11 7.82 -24.89
C LEU A 609 -16.69 7.44 -25.26
N ASP A 610 -16.35 7.46 -26.55
CA ASP A 610 -15.04 7.03 -26.99
C ASP A 610 -14.45 7.94 -28.08
N TYR A 611 -13.15 8.30 -27.98
CA TYR A 611 -12.49 9.16 -28.99
C TYR A 611 -12.04 8.34 -30.17
N SER A 612 -12.71 8.49 -31.32
CA SER A 612 -12.38 7.74 -32.51
C SER A 612 -11.05 8.21 -33.10
N GLN A 613 -10.11 7.26 -33.19
CA GLN A 613 -8.78 7.47 -33.74
C GLN A 613 -8.02 8.71 -33.27
N ILE A 614 -8.14 9.03 -31.99
CA ILE A 614 -7.48 10.22 -31.44
C ILE A 614 -5.96 10.25 -31.65
N GLU A 615 -5.28 9.11 -31.63
CA GLU A 615 -3.84 9.11 -31.80
C GLU A 615 -3.48 9.62 -33.20
N LEU A 616 -4.32 9.31 -34.19
CA LEU A 616 -4.08 9.73 -35.56
C LEU A 616 -4.47 11.18 -35.76
N ARG A 617 -5.56 11.58 -35.15
CA ARG A 617 -6.03 12.97 -35.22
C ARG A 617 -4.99 13.84 -34.50
N VAL A 618 -4.24 13.25 -33.59
CA VAL A 618 -3.19 13.92 -32.83
C VAL A 618 -1.89 13.93 -33.64
N LEU A 619 -1.62 12.83 -34.36
CA LEU A 619 -0.44 12.73 -35.21
C LEU A 619 -0.55 13.77 -36.34
N ALA A 620 -1.75 13.89 -36.91
CA ALA A 620 -2.02 14.85 -37.97
C ALA A 620 -1.75 16.26 -37.46
N HIS A 621 -2.18 16.57 -36.24
CA HIS A 621 -1.97 17.90 -35.68
C HIS A 621 -0.50 18.20 -35.46
N LEU A 622 0.17 17.27 -34.78
CA LEU A 622 1.58 17.40 -34.43
C LEU A 622 2.51 17.35 -35.62
N SER A 623 2.15 16.57 -36.63
CA SER A 623 2.98 16.48 -37.83
C SER A 623 2.70 17.69 -38.73
N GLY A 624 1.43 18.07 -38.81
CA GLY A 624 1.01 19.19 -39.63
C GLY A 624 0.70 18.70 -41.04
N ASP A 625 0.73 17.39 -41.24
CA ASP A 625 0.50 16.84 -42.57
C ASP A 625 -0.86 17.19 -43.16
N GLU A 626 -0.86 18.05 -44.17
CA GLU A 626 -2.09 18.48 -44.81
C GLU A 626 -2.99 17.40 -45.38
N ASN A 627 -2.42 16.31 -45.88
CA ASN A 627 -3.25 15.23 -46.44
C ASN A 627 -3.91 14.41 -45.35
N LEU A 628 -3.24 14.33 -44.21
CA LEU A 628 -3.73 13.61 -43.04
C LEU A 628 -4.80 14.54 -42.47
N ILE A 629 -4.44 15.82 -42.36
CA ILE A 629 -5.36 16.83 -41.84
C ILE A 629 -6.61 16.91 -42.70
N ARG A 630 -6.43 16.82 -44.01
CA ARG A 630 -7.53 16.87 -44.98
C ARG A 630 -8.56 15.73 -44.82
N VAL A 631 -8.09 14.49 -44.69
CA VAL A 631 -8.99 13.35 -44.52
C VAL A 631 -9.88 13.55 -43.29
N PHE A 632 -9.27 13.93 -42.17
CA PHE A 632 -10.01 14.15 -40.92
C PHE A 632 -10.93 15.33 -41.01
N GLN A 633 -10.53 16.33 -41.80
CA GLN A 633 -11.36 17.51 -42.00
C GLN A 633 -12.59 17.12 -42.86
N GLU A 634 -12.33 16.39 -43.95
CA GLU A 634 -13.38 15.97 -44.88
C GLU A 634 -14.38 15.02 -44.24
N GLY A 635 -13.95 14.28 -43.22
CA GLY A 635 -14.82 13.32 -42.54
C GLY A 635 -14.73 11.96 -43.23
N ARG A 636 -13.54 11.66 -43.74
CA ARG A 636 -13.29 10.43 -44.47
C ARG A 636 -12.54 9.31 -43.73
N ASP A 637 -12.76 8.09 -44.20
CA ASP A 637 -12.16 6.87 -43.66
C ASP A 637 -10.66 6.87 -43.92
N ILE A 638 -9.87 7.25 -42.94
CA ILE A 638 -8.43 7.31 -43.12
C ILE A 638 -7.77 6.07 -43.70
N HIS A 639 -8.35 4.89 -43.52
CA HIS A 639 -7.73 3.66 -44.02
C HIS A 639 -8.03 3.43 -45.47
N THR A 640 -9.16 3.92 -45.92
CA THR A 640 -9.53 3.79 -47.31
C THR A 640 -8.73 4.84 -48.09
N GLU A 641 -8.74 6.08 -47.59
CA GLU A 641 -8.01 7.16 -48.24
C GLU A 641 -6.55 6.82 -48.36
N THR A 642 -5.94 6.42 -47.26
CA THR A 642 -4.54 6.02 -47.28
C THR A 642 -4.32 4.91 -48.31
N ALA A 643 -5.29 4.02 -48.44
CA ALA A 643 -5.20 2.93 -49.41
C ALA A 643 -5.26 3.47 -50.85
N SER A 644 -6.10 4.49 -51.06
CA SER A 644 -6.26 5.14 -52.37
C SER A 644 -4.93 5.68 -52.85
N TRP A 645 -4.34 6.54 -52.04
CA TRP A 645 -3.08 7.19 -52.33
C TRP A 645 -1.86 6.25 -52.33
N MET A 646 -2.02 5.04 -51.82
CA MET A 646 -0.92 4.08 -51.77
C MET A 646 -1.01 3.13 -52.94
N PHE A 647 -2.23 2.71 -53.27
CA PHE A 647 -2.44 1.76 -54.35
C PHE A 647 -3.08 2.36 -55.60
N GLY A 648 -3.11 3.68 -55.65
CA GLY A 648 -3.63 4.38 -56.81
C GLY A 648 -4.91 3.89 -57.42
N VAL A 649 -5.99 3.94 -56.64
CA VAL A 649 -7.30 3.52 -57.12
C VAL A 649 -8.25 4.43 -56.37
N PRO A 650 -9.40 4.76 -56.97
CA PRO A 650 -10.36 5.64 -56.29
C PRO A 650 -10.84 4.96 -55.00
N ARG A 651 -11.17 5.73 -53.97
CA ARG A 651 -11.62 5.15 -52.69
C ARG A 651 -12.59 4.01 -52.87
N GLU A 652 -13.58 4.24 -53.73
CA GLU A 652 -14.63 3.27 -54.03
C GLU A 652 -14.10 1.91 -54.50
N ALA A 653 -12.91 1.91 -55.09
CA ALA A 653 -12.32 0.68 -55.59
C ALA A 653 -11.29 0.08 -54.66
N VAL A 654 -11.22 0.55 -53.42
CA VAL A 654 -10.26 -0.02 -52.49
C VAL A 654 -10.76 -1.39 -52.02
N ASP A 655 -9.91 -2.42 -52.15
CA ASP A 655 -10.31 -3.76 -51.75
C ASP A 655 -9.82 -4.13 -50.33
N PRO A 656 -10.50 -5.11 -49.67
CA PRO A 656 -10.19 -5.60 -48.32
C PRO A 656 -8.69 -5.69 -47.97
N LEU A 657 -7.89 -6.20 -48.90
CA LEU A 657 -6.48 -6.32 -48.66
C LEU A 657 -5.83 -4.96 -48.55
N MET A 658 -6.16 -4.08 -49.49
CA MET A 658 -5.61 -2.72 -49.53
C MET A 658 -5.87 -1.98 -48.24
N ARG A 659 -7.13 -1.95 -47.81
CA ARG A 659 -7.51 -1.24 -46.59
C ARG A 659 -6.89 -1.92 -45.37
N ARG A 660 -6.49 -3.18 -45.52
CA ARG A 660 -5.85 -3.93 -44.46
C ARG A 660 -4.39 -3.49 -44.30
N ALA A 661 -3.69 -3.29 -45.40
CA ALA A 661 -2.29 -2.82 -45.33
C ALA A 661 -2.24 -1.34 -44.87
N ALA A 662 -3.23 -0.56 -45.31
CA ALA A 662 -3.33 0.84 -44.94
C ALA A 662 -3.63 0.95 -43.43
N LYS A 663 -4.52 0.09 -42.95
CA LYS A 663 -4.89 0.09 -41.54
C LYS A 663 -3.71 -0.27 -40.65
N THR A 664 -2.92 -1.26 -41.04
CA THR A 664 -1.79 -1.63 -40.19
C THR A 664 -0.67 -0.60 -40.23
N ILE A 665 -0.40 -0.03 -41.41
CA ILE A 665 0.64 0.99 -41.52
C ILE A 665 0.20 2.21 -40.72
N ASN A 666 -1.07 2.57 -40.85
CA ASN A 666 -1.60 3.70 -40.11
C ASN A 666 -1.48 3.43 -38.61
N PHE A 667 -1.42 2.14 -38.26
CA PHE A 667 -1.28 1.69 -36.88
C PHE A 667 0.20 1.60 -36.48
N GLY A 668 1.01 1.09 -37.40
CA GLY A 668 2.42 0.93 -37.13
C GLY A 668 3.23 2.22 -37.12
N VAL A 669 2.87 3.16 -37.97
CA VAL A 669 3.59 4.41 -38.01
C VAL A 669 3.63 5.07 -36.63
N LEU A 670 2.56 4.86 -35.85
CA LEU A 670 2.39 5.40 -34.50
C LEU A 670 3.60 5.19 -33.55
N TYR A 671 4.29 4.07 -33.73
CA TYR A 671 5.48 3.74 -32.95
C TYR A 671 6.57 3.29 -33.94
N GLY A 672 6.49 3.80 -35.17
CA GLY A 672 7.44 3.45 -36.22
C GLY A 672 7.22 2.07 -36.80
N MET A 673 7.06 1.09 -35.92
CA MET A 673 6.87 -0.31 -36.26
C MET A 673 8.17 -0.89 -36.80
N SER A 674 8.46 -0.58 -38.06
CA SER A 674 9.66 -1.00 -38.83
C SER A 674 9.25 -1.79 -40.07
N ALA A 675 10.10 -1.77 -41.11
CA ALA A 675 9.83 -2.49 -42.34
C ALA A 675 9.65 -4.00 -42.13
N HIS A 676 10.57 -4.62 -41.41
CA HIS A 676 10.47 -6.05 -41.16
C HIS A 676 9.21 -6.41 -40.37
N ARG A 677 8.94 -5.63 -39.33
CA ARG A 677 7.76 -5.85 -38.50
C ARG A 677 6.52 -5.91 -39.38
N LEU A 678 6.33 -4.89 -40.23
CA LEU A 678 5.20 -4.82 -41.16
C LEU A 678 5.29 -5.96 -42.17
N SER A 679 6.51 -6.21 -42.61
CA SER A 679 6.80 -7.28 -43.55
C SER A 679 6.23 -8.53 -42.96
N GLN A 680 6.34 -8.65 -41.64
CA GLN A 680 5.84 -9.81 -40.93
C GLN A 680 4.38 -9.76 -40.53
N GLU A 681 3.89 -8.58 -40.12
CA GLU A 681 2.50 -8.44 -39.71
C GLU A 681 1.52 -8.75 -40.86
N LEU A 682 2.07 -8.82 -42.08
CA LEU A 682 1.34 -9.13 -43.29
C LEU A 682 2.14 -10.16 -44.07
N ALA A 683 1.47 -11.01 -44.83
CA ALA A 683 2.16 -12.05 -45.61
C ALA A 683 2.79 -11.42 -46.85
N ILE A 684 3.86 -10.66 -46.62
CA ILE A 684 4.50 -9.93 -47.70
C ILE A 684 6.02 -9.93 -47.59
N PRO A 685 6.70 -10.15 -48.72
CA PRO A 685 8.17 -10.14 -48.69
C PRO A 685 8.65 -8.83 -48.15
N TYR A 686 9.77 -8.87 -47.45
CA TYR A 686 10.38 -7.68 -46.87
C TYR A 686 10.34 -6.53 -47.88
N GLU A 687 10.73 -6.86 -49.10
CA GLU A 687 10.79 -5.93 -50.21
C GLU A 687 9.53 -5.09 -50.38
N GLU A 688 8.41 -5.78 -50.55
CA GLU A 688 7.12 -5.15 -50.75
C GLU A 688 6.70 -4.26 -49.57
N ALA A 689 7.01 -4.70 -48.35
CA ALA A 689 6.68 -3.94 -47.16
C ALA A 689 7.46 -2.64 -47.12
N GLN A 690 8.65 -2.63 -47.70
CA GLN A 690 9.47 -1.41 -47.75
C GLN A 690 8.88 -0.40 -48.73
N ALA A 691 8.32 -0.91 -49.82
CA ALA A 691 7.68 -0.10 -50.86
C ALA A 691 6.39 0.49 -50.29
N PHE A 692 5.66 -0.31 -49.52
CA PHE A 692 4.43 0.15 -48.89
C PHE A 692 4.66 1.34 -47.97
N ILE A 693 5.78 1.33 -47.24
CA ILE A 693 6.13 2.41 -46.32
C ILE A 693 6.46 3.66 -47.13
N GLU A 694 7.24 3.48 -48.20
CA GLU A 694 7.60 4.59 -49.09
C GLU A 694 6.34 5.31 -49.60
N ARG A 695 5.41 4.53 -50.14
CA ARG A 695 4.16 5.06 -50.63
C ARG A 695 3.44 5.82 -49.53
N TYR A 696 3.50 5.27 -48.31
CA TYR A 696 2.86 5.92 -47.18
C TYR A 696 3.43 7.34 -46.96
N PHE A 697 4.74 7.45 -46.94
CA PHE A 697 5.34 8.75 -46.74
C PHE A 697 5.30 9.60 -47.99
N GLN A 698 5.01 8.99 -49.13
CA GLN A 698 4.87 9.76 -50.37
C GLN A 698 3.55 10.52 -50.26
N SER A 699 2.57 9.89 -49.62
CA SER A 699 1.28 10.50 -49.40
C SER A 699 1.31 11.32 -48.10
N PHE A 700 2.26 11.01 -47.23
CA PHE A 700 2.39 11.71 -45.96
C PHE A 700 3.85 12.10 -45.62
N PRO A 701 4.41 13.09 -46.35
CA PRO A 701 5.78 13.59 -46.17
C PRO A 701 6.04 14.21 -44.79
N LYS A 702 5.09 15.02 -44.32
CA LYS A 702 5.20 15.69 -43.04
C LYS A 702 5.23 14.69 -41.88
N VAL A 703 4.59 13.53 -42.07
CA VAL A 703 4.58 12.49 -41.04
C VAL A 703 5.99 11.97 -40.87
N ARG A 704 6.70 11.80 -42.00
CA ARG A 704 8.08 11.33 -42.00
C ARG A 704 8.98 12.41 -41.40
N ALA A 705 8.78 13.66 -41.84
CA ALA A 705 9.55 14.79 -41.36
C ALA A 705 9.38 14.95 -39.87
N TRP A 706 8.16 14.73 -39.40
CA TRP A 706 7.86 14.83 -37.98
C TRP A 706 8.73 13.86 -37.19
N ILE A 707 8.64 12.60 -37.55
CA ILE A 707 9.41 11.57 -36.89
C ILE A 707 10.87 11.94 -36.89
N GLU A 708 11.37 12.33 -38.05
CA GLU A 708 12.78 12.71 -38.21
C GLU A 708 13.20 13.77 -37.21
N LYS A 709 12.39 14.83 -37.07
CA LYS A 709 12.68 15.96 -36.14
C LYS A 709 12.45 15.63 -34.64
N THR A 710 11.47 14.78 -34.38
CA THR A 710 11.12 14.34 -33.04
C THR A 710 12.34 13.67 -32.44
N LEU A 711 13.00 12.83 -33.23
CA LEU A 711 14.21 12.18 -32.77
C LEU A 711 15.38 13.17 -32.70
N GLU A 712 15.35 14.24 -33.48
CA GLU A 712 16.43 15.20 -33.46
C GLU A 712 16.37 16.01 -32.19
N GLU A 713 15.23 16.64 -31.94
CA GLU A 713 15.06 17.41 -30.72
C GLU A 713 15.21 16.44 -29.55
N GLY A 714 14.72 15.21 -29.74
CA GLY A 714 14.85 14.21 -28.71
C GLY A 714 16.31 14.00 -28.38
N ARG A 715 17.12 13.73 -29.40
CA ARG A 715 18.55 13.51 -29.23
C ARG A 715 19.27 14.73 -28.68
N ARG A 716 18.95 15.91 -29.21
CA ARG A 716 19.57 17.17 -28.76
C ARG A 716 19.20 17.54 -27.32
N ARG A 717 17.90 17.71 -27.08
CA ARG A 717 17.38 18.11 -25.77
C ARG A 717 17.45 17.03 -24.68
N GLY A 718 17.33 15.77 -25.07
CA GLY A 718 17.37 14.68 -24.10
C GLY A 718 15.98 14.21 -23.68
N TYR A 719 14.94 14.80 -24.25
CA TYR A 719 13.56 14.44 -23.92
C TYR A 719 12.66 14.89 -25.03
N VAL A 720 11.44 14.36 -25.03
CA VAL A 720 10.41 14.72 -26.01
C VAL A 720 9.30 15.34 -25.20
N GLU A 721 8.18 15.65 -25.85
CA GLU A 721 7.07 16.28 -25.17
C GLU A 721 5.81 15.97 -25.89
N THR A 722 4.70 16.34 -25.25
CA THR A 722 3.37 16.18 -25.80
C THR A 722 2.96 17.61 -26.16
N LEU A 723 1.83 17.79 -26.85
CA LEU A 723 1.34 19.12 -27.21
C LEU A 723 1.34 20.08 -26.01
N PHE A 724 0.86 19.58 -24.86
CA PHE A 724 0.78 20.40 -23.67
C PHE A 724 2.04 20.62 -22.84
N GLY A 725 3.13 19.98 -23.23
CA GLY A 725 4.38 20.18 -22.54
C GLY A 725 4.84 19.08 -21.64
N ARG A 726 4.14 17.96 -21.62
CA ARG A 726 4.53 16.85 -20.76
C ARG A 726 5.84 16.26 -21.23
N ARG A 727 6.85 16.33 -20.39
CA ARG A 727 8.20 15.85 -20.68
C ARG A 727 8.51 14.42 -20.27
N ARG A 728 9.30 13.71 -21.07
CA ARG A 728 9.78 12.36 -20.74
C ARG A 728 11.22 12.25 -21.23
N TYR A 729 12.15 12.01 -20.31
CA TYR A 729 13.56 11.92 -20.64
C TYR A 729 13.96 10.63 -21.33
N VAL A 730 14.48 10.78 -22.55
CA VAL A 730 14.93 9.65 -23.36
C VAL A 730 16.42 9.73 -23.65
N PRO A 731 17.25 9.29 -22.69
CA PRO A 731 18.71 9.31 -22.84
C PRO A 731 19.22 8.31 -23.89
N ASP A 732 18.57 7.17 -23.97
CA ASP A 732 18.99 6.13 -24.89
C ASP A 732 18.81 6.33 -26.38
N LEU A 733 18.33 7.48 -26.80
CA LEU A 733 18.20 7.73 -28.24
C LEU A 733 19.60 7.64 -28.82
N GLU A 734 20.55 8.18 -28.05
CA GLU A 734 21.96 8.22 -28.39
C GLU A 734 22.65 7.07 -27.66
N ALA A 735 22.46 5.85 -28.16
CA ALA A 735 23.08 4.67 -27.55
C ALA A 735 24.16 4.14 -28.49
N ARG A 736 24.67 2.93 -28.21
CA ARG A 736 25.67 2.32 -29.08
C ARG A 736 24.99 1.13 -29.73
N VAL A 737 24.37 0.33 -28.87
CA VAL A 737 23.66 -0.87 -29.27
C VAL A 737 22.47 -0.52 -30.15
N LYS A 738 22.46 -1.03 -31.38
CA LYS A 738 21.35 -0.81 -32.31
C LYS A 738 20.07 -1.22 -31.56
N SER A 739 20.07 -2.47 -31.11
CA SER A 739 18.95 -3.06 -30.37
C SER A 739 18.39 -2.12 -29.28
N VAL A 740 19.28 -1.32 -28.70
CA VAL A 740 18.93 -0.37 -27.64
C VAL A 740 18.50 1.04 -28.09
N ARG A 741 19.15 1.62 -29.10
CA ARG A 741 18.74 2.94 -29.56
C ARG A 741 17.44 2.84 -30.37
N GLU A 742 17.05 1.60 -30.69
CA GLU A 742 15.83 1.33 -31.44
C GLU A 742 14.67 1.22 -30.46
N ALA A 743 14.98 1.11 -29.17
CA ALA A 743 13.97 1.03 -28.13
C ALA A 743 13.58 2.46 -27.79
N ALA A 744 14.56 3.22 -27.32
CA ALA A 744 14.33 4.61 -26.98
C ALA A 744 13.67 5.34 -28.16
N GLU A 745 14.09 5.03 -29.39
CA GLU A 745 13.50 5.65 -30.57
C GLU A 745 11.99 5.39 -30.72
N ARG A 746 11.53 4.19 -30.36
CA ARG A 746 10.11 3.85 -30.44
C ARG A 746 9.38 4.76 -29.48
N MET A 747 9.73 4.61 -28.20
CA MET A 747 9.16 5.37 -27.11
C MET A 747 9.30 6.88 -27.30
N ALA A 748 10.39 7.29 -27.96
CA ALA A 748 10.66 8.69 -28.19
C ALA A 748 9.48 9.43 -28.82
N PHE A 749 8.91 8.91 -29.89
CA PHE A 749 7.75 9.57 -30.51
C PHE A 749 6.46 8.90 -30.11
N ASN A 750 6.61 7.76 -29.45
CA ASN A 750 5.46 7.03 -28.95
C ASN A 750 4.85 7.80 -27.76
N MET A 751 5.59 8.73 -27.19
CA MET A 751 5.08 9.50 -26.07
C MET A 751 4.33 10.76 -26.51
N PRO A 752 4.89 11.57 -27.44
CA PRO A 752 4.08 12.73 -27.79
C PRO A 752 2.68 12.38 -28.29
N VAL A 753 2.59 11.33 -29.08
CA VAL A 753 1.29 10.91 -29.63
C VAL A 753 0.32 10.44 -28.56
N GLN A 754 0.75 9.44 -27.79
CA GLN A 754 -0.06 8.86 -26.73
C GLN A 754 -0.20 9.85 -25.59
N GLY A 755 0.88 10.57 -25.32
CA GLY A 755 0.88 11.55 -24.27
C GLY A 755 -0.16 12.62 -24.51
N THR A 756 -0.23 13.09 -25.76
CA THR A 756 -1.20 14.11 -26.13
C THR A 756 -2.63 13.58 -26.03
N ALA A 757 -2.82 12.33 -26.46
CA ALA A 757 -4.12 11.66 -26.40
C ALA A 757 -4.55 11.48 -24.93
N ALA A 758 -3.59 11.18 -24.05
CA ALA A 758 -3.85 11.04 -22.64
C ALA A 758 -4.31 12.41 -22.12
N ASP A 759 -3.47 13.43 -22.32
CA ASP A 759 -3.75 14.81 -21.89
C ASP A 759 -5.11 15.37 -22.28
N LEU A 760 -5.56 15.07 -23.51
CA LEU A 760 -6.87 15.53 -23.98
C LEU A 760 -7.99 14.84 -23.20
N MET A 761 -7.81 13.57 -22.88
CA MET A 761 -8.80 12.83 -22.11
C MET A 761 -8.89 13.39 -20.69
N LYS A 762 -7.75 13.42 -19.98
CA LYS A 762 -7.71 13.95 -18.61
C LYS A 762 -8.36 15.31 -18.54
N LEU A 763 -7.95 16.21 -19.43
CA LEU A 763 -8.51 17.56 -19.48
C LEU A 763 -10.02 17.48 -19.76
N ALA A 764 -10.43 16.58 -20.63
CA ALA A 764 -11.85 16.45 -20.92
C ALA A 764 -12.59 16.15 -19.61
N MET A 765 -12.12 15.11 -18.89
CA MET A 765 -12.70 14.67 -17.64
C MET A 765 -12.86 15.80 -16.66
N VAL A 766 -11.82 16.62 -16.60
CA VAL A 766 -11.78 17.79 -15.72
C VAL A 766 -12.83 18.86 -16.07
N LYS A 767 -13.19 19.00 -17.35
CA LYS A 767 -14.20 19.99 -17.74
C LYS A 767 -15.58 19.42 -17.56
N LEU A 768 -15.72 18.17 -17.95
CA LEU A 768 -16.98 17.46 -17.87
C LEU A 768 -17.45 17.25 -16.46
N PHE A 769 -16.55 16.87 -15.56
CA PHE A 769 -16.93 16.61 -14.18
C PHE A 769 -17.94 17.61 -13.60
N PRO A 770 -17.59 18.90 -13.62
CA PRO A 770 -18.52 19.89 -13.06
C PRO A 770 -19.96 19.83 -13.59
N ARG A 771 -20.13 19.53 -14.86
CA ARG A 771 -21.47 19.48 -15.44
C ARG A 771 -22.29 18.22 -15.24
N LEU A 772 -21.65 17.10 -14.92
CA LEU A 772 -22.38 15.88 -14.67
C LEU A 772 -23.09 15.98 -13.31
N GLU A 773 -22.50 16.72 -12.38
CA GLU A 773 -23.08 16.92 -11.05
C GLU A 773 -24.48 17.48 -11.18
N GLU A 774 -24.59 18.58 -11.94
CA GLU A 774 -25.88 19.24 -12.17
C GLU A 774 -26.83 18.40 -13.01
N MET A 775 -26.27 17.55 -13.86
CA MET A 775 -27.07 16.66 -14.69
C MET A 775 -27.48 15.43 -13.88
N GLY A 776 -27.04 15.37 -12.62
CA GLY A 776 -27.34 14.26 -11.74
C GLY A 776 -26.65 12.95 -12.15
N ALA A 777 -25.72 13.03 -13.10
CA ALA A 777 -25.01 11.85 -13.57
C ALA A 777 -23.68 11.72 -12.83
N ARG A 778 -22.94 10.67 -13.14
CA ARG A 778 -21.65 10.43 -12.50
C ARG A 778 -20.67 9.83 -13.49
N MET A 779 -19.39 9.90 -13.16
CA MET A 779 -18.30 9.39 -13.98
C MET A 779 -17.77 8.11 -13.32
N LEU A 780 -17.79 6.99 -14.05
CA LEU A 780 -17.34 5.71 -13.51
C LEU A 780 -15.94 5.22 -13.87
N LEU A 781 -15.72 4.87 -15.15
CA LEU A 781 -14.41 4.37 -15.58
C LEU A 781 -13.81 5.15 -16.74
N GLN A 782 -12.54 4.90 -17.00
CA GLN A 782 -11.81 5.53 -18.09
C GLN A 782 -10.76 4.50 -18.51
N VAL A 783 -10.89 3.91 -19.69
CA VAL A 783 -9.90 2.94 -20.20
C VAL A 783 -9.54 3.33 -21.62
N HIS A 784 -8.28 3.14 -22.00
CA HIS A 784 -7.82 3.49 -23.33
C HIS A 784 -8.26 4.90 -23.65
N ASP A 785 -9.15 5.04 -24.63
CA ASP A 785 -9.63 6.37 -25.02
C ASP A 785 -11.13 6.45 -24.85
N GLU A 786 -11.61 5.78 -23.81
CA GLU A 786 -13.02 5.68 -23.50
C GLU A 786 -13.30 6.14 -22.08
N LEU A 787 -14.48 6.75 -21.91
CA LEU A 787 -14.94 7.25 -20.62
C LEU A 787 -16.35 6.69 -20.40
N VAL A 788 -16.56 6.02 -19.27
CA VAL A 788 -17.84 5.42 -18.95
C VAL A 788 -18.53 6.23 -17.87
N LEU A 789 -19.70 6.72 -18.19
CA LEU A 789 -20.49 7.52 -17.28
C LEU A 789 -21.71 6.71 -16.87
N GLU A 790 -22.44 7.20 -15.89
CA GLU A 790 -23.65 6.54 -15.41
C GLU A 790 -24.60 7.70 -15.18
N ALA A 791 -25.78 7.62 -15.78
CA ALA A 791 -26.73 8.68 -15.62
C ALA A 791 -28.14 8.14 -15.49
N PRO A 792 -29.00 8.89 -14.81
CA PRO A 792 -30.41 8.51 -14.58
C PRO A 792 -31.07 8.24 -15.92
N LYS A 793 -31.82 7.15 -16.02
CA LYS A 793 -32.48 6.77 -17.27
C LYS A 793 -33.08 7.96 -18.04
N GLU A 794 -33.89 8.75 -17.35
CA GLU A 794 -34.53 9.94 -17.92
C GLU A 794 -33.55 11.10 -17.90
N ARG A 795 -32.31 10.83 -18.30
CA ARG A 795 -31.23 11.80 -18.32
C ARG A 795 -30.13 11.33 -19.27
N ALA A 796 -29.96 10.02 -19.36
CA ALA A 796 -28.92 9.42 -20.18
C ALA A 796 -28.67 10.10 -21.53
N GLU A 797 -29.74 10.30 -22.31
CA GLU A 797 -29.67 10.90 -23.64
C GLU A 797 -29.04 12.30 -23.59
N ALA A 798 -29.53 13.10 -22.66
CA ALA A 798 -29.01 14.44 -22.50
C ALA A 798 -27.57 14.44 -22.02
N VAL A 799 -27.26 13.58 -21.04
CA VAL A 799 -25.90 13.49 -20.50
C VAL A 799 -24.94 13.08 -21.58
N ALA A 800 -25.40 12.15 -22.41
CA ALA A 800 -24.60 11.65 -23.51
C ALA A 800 -24.23 12.81 -24.45
N ARG A 801 -25.21 13.63 -24.82
CA ARG A 801 -24.93 14.76 -25.70
C ARG A 801 -24.04 15.83 -25.03
N LEU A 802 -24.21 16.06 -23.74
CA LEU A 802 -23.37 17.03 -23.05
C LEU A 802 -21.92 16.60 -23.10
N ALA A 803 -21.69 15.33 -22.78
CA ALA A 803 -20.36 14.75 -22.73
C ALA A 803 -19.62 14.71 -24.06
N LYS A 804 -20.36 14.46 -25.14
CA LYS A 804 -19.80 14.42 -26.50
C LYS A 804 -19.31 15.83 -26.83
N GLU A 805 -20.12 16.84 -26.52
CA GLU A 805 -19.75 18.22 -26.77
C GLU A 805 -18.43 18.48 -26.07
N VAL A 806 -18.46 18.40 -24.74
CA VAL A 806 -17.29 18.67 -23.92
C VAL A 806 -16.07 17.92 -24.41
N MET A 807 -16.23 16.62 -24.65
CA MET A 807 -15.10 15.81 -25.13
C MET A 807 -14.58 16.27 -26.49
N GLU A 808 -15.47 16.38 -27.46
CA GLU A 808 -15.08 16.81 -28.79
C GLU A 808 -14.41 18.19 -28.84
N GLY A 809 -14.95 19.15 -28.10
CA GLY A 809 -14.36 20.48 -28.09
C GLY A 809 -13.43 20.78 -26.93
N VAL A 810 -12.78 19.75 -26.40
CA VAL A 810 -11.88 19.92 -25.25
C VAL A 810 -10.71 20.84 -25.55
N TYR A 811 -10.14 20.69 -26.74
CA TYR A 811 -9.04 21.52 -27.11
C TYR A 811 -8.99 21.55 -28.60
N PRO A 812 -8.85 22.75 -29.16
CA PRO A 812 -8.79 23.05 -30.59
C PRO A 812 -7.51 22.53 -31.25
N LEU A 813 -7.69 21.63 -32.22
CA LEU A 813 -6.58 21.08 -32.95
C LEU A 813 -6.83 21.31 -34.44
N ALA A 814 -5.84 20.95 -35.26
CA ALA A 814 -5.91 21.13 -36.71
C ALA A 814 -7.01 20.30 -37.40
N VAL A 815 -7.57 19.35 -36.68
CA VAL A 815 -8.62 18.51 -37.25
C VAL A 815 -9.69 18.32 -36.19
N PRO A 816 -10.88 17.91 -36.61
CA PRO A 816 -11.88 17.72 -35.57
C PRO A 816 -11.50 16.52 -34.70
N LEU A 817 -12.24 16.36 -33.62
CA LEU A 817 -12.08 15.27 -32.65
C LEU A 817 -13.48 14.63 -32.70
N GLU A 818 -13.57 13.32 -32.88
CA GLU A 818 -14.88 12.69 -32.93
C GLU A 818 -15.00 11.74 -31.76
N VAL A 819 -16.17 11.74 -31.13
CA VAL A 819 -16.46 10.91 -29.98
C VAL A 819 -17.62 9.98 -30.32
N GLU A 820 -17.34 8.69 -30.42
CA GLU A 820 -18.38 7.71 -30.69
C GLU A 820 -19.03 7.53 -29.32
N VAL A 821 -20.35 7.64 -29.23
CA VAL A 821 -21.04 7.47 -27.94
C VAL A 821 -22.09 6.36 -27.96
N GLY A 822 -22.38 5.81 -26.78
CA GLY A 822 -23.36 4.76 -26.64
C GLY A 822 -24.04 4.81 -25.28
N ILE A 823 -25.21 4.17 -25.18
CA ILE A 823 -25.99 4.13 -23.95
C ILE A 823 -26.52 2.70 -23.77
N GLY A 824 -26.69 2.27 -22.53
CA GLY A 824 -27.18 0.92 -22.29
C GLY A 824 -27.11 0.55 -20.83
N GLU A 825 -27.68 -0.59 -20.49
CA GLU A 825 -27.71 -1.07 -19.11
C GLU A 825 -26.39 -1.70 -18.65
N ASP A 826 -25.66 -2.30 -19.58
CA ASP A 826 -24.38 -2.90 -19.25
C ASP A 826 -23.34 -2.30 -20.18
N TRP A 827 -22.10 -2.25 -19.72
CA TRP A 827 -21.03 -1.68 -20.50
C TRP A 827 -20.98 -2.23 -21.93
N LEU A 828 -21.28 -3.50 -22.12
CA LEU A 828 -21.24 -4.09 -23.45
C LEU A 828 -22.39 -3.61 -24.36
N SER A 829 -23.45 -3.07 -23.78
CA SER A 829 -24.55 -2.59 -24.60
C SER A 829 -24.08 -1.33 -25.29
N ALA A 830 -23.62 -0.34 -24.51
CA ALA A 830 -23.11 0.91 -25.06
C ALA A 830 -21.98 0.54 -26.01
N LYS A 831 -21.45 -0.66 -25.80
CA LYS A 831 -20.37 -1.25 -26.58
C LYS A 831 -19.05 -0.51 -26.37
N GLU A 832 -18.84 0.60 -27.08
CA GLU A 832 -17.59 1.37 -26.96
C GLU A 832 -17.85 2.85 -26.62
#